data_5J5P
#
_entry.id   5J5P
#
_cell.length_a   134.440
_cell.length_b   136.460
_cell.length_c   136.270
_cell.angle_alpha   90.00
_cell.angle_beta   90.00
_cell.angle_gamma   90.00
#
_symmetry.space_group_name_H-M   'C 2 2 21'
#
loop_
_entity.id
_entity.type
_entity.pdbx_description
1 polymer 'DNA topoisomerase 4 subunit B'
2 polymer "DNA (5'-D(*GP*CP*GP*CP*GP*C)-3')"
3 non-polymer 'PHOSPHOAMINOPHOSPHONIC ACID-ADENYLATE ESTER'
4 non-polymer 'SODIUM ION'
5 non-polymer 'MAGNESIUM ION'
6 water water
#
loop_
_entity_poly.entity_id
_entity_poly.type
_entity_poly.pdbx_seq_one_letter_code
_entity_poly.pdbx_strand_id
1 'polypeptide(L)'
;AMSKKEININNYNDDAIQVLEGLDAVRKRPGMYIGSTDGAGLHHLVWEIVDNAVDEALSGFGDRIDVTINKDGSLTVQDH
GRGMPTGMHAMGIPTVEVIFTILHAGGKFGQGGYKTSGGLHGVGSSVVNALSSWLEVEITRDGAVYKQRFENGGKPVTTL
KKIGTAPKSKTGTKVTFMPDATIFSTTDFKYNTISERLNESAFLLKNVTLSLTDKRTDEAIEFHYENGVQDFVSYLNEDK
EILTPVLYFEGEDNGFQVEVALQYNDGFSDNILSFVNNVRTKDGGTHETGLKSAITKVMNDYARKTGLLKEKDKNLEGSD
YREGLAAVLSILVPEEHLQFEGQTKDKLGSPLARPVVDGIVADKLTFFLMENGELASNLIRKAIKARDAREAARKARDES
RNGHHHHHH
;
A,B
2 'polydeoxyribonucleotide' (DG)(DC)(DG)(DC)(DG)(DC) C,D,E,F
#
# COMPACT_ATOMS: atom_id res chain seq x y z
N LYS A 5 -1.49 17.30 35.80
CA LYS A 5 -2.70 17.74 35.10
C LYS A 5 -3.05 16.80 33.91
N GLU A 6 -4.34 16.62 33.67
CA GLU A 6 -4.78 15.71 32.64
C GLU A 6 -4.47 16.28 31.25
N ILE A 7 -3.98 15.43 30.36
CA ILE A 7 -3.78 15.85 28.96
C ILE A 7 -5.13 15.85 28.27
N ASN A 8 -5.49 16.99 27.68
CA ASN A 8 -6.73 17.11 26.91
C ASN A 8 -6.55 18.24 25.91
N ILE A 9 -7.61 18.53 25.12
CA ILE A 9 -7.40 19.46 24.01
C ILE A 9 -7.13 20.88 24.51
N ASN A 10 -7.47 21.17 25.77
CA ASN A 10 -7.17 22.45 26.39
C ASN A 10 -5.89 22.45 27.22
N ASN A 11 -5.18 21.34 27.25
CA ASN A 11 -3.88 21.28 27.89
C ASN A 11 -2.96 20.50 26.96
N TYR A 12 -2.56 21.17 25.89
CA TYR A 12 -1.77 20.58 24.83
C TYR A 12 -0.38 21.18 24.93
N ASN A 13 0.47 20.58 25.76
CA ASN A 13 1.79 21.11 26.04
C ASN A 13 2.81 19.98 25.88
N ASP A 14 3.98 20.12 26.54
CA ASP A 14 5.12 19.27 26.14
C ASP A 14 4.92 17.81 26.52
N ASP A 15 4.17 17.55 27.59
CA ASP A 15 3.90 16.17 27.97
C ASP A 15 2.83 15.52 27.10
N ALA A 16 2.18 16.27 26.20
CA ALA A 16 1.20 15.68 25.29
C ALA A 16 1.82 14.94 24.10
N ILE A 17 3.13 15.04 23.91
CA ILE A 17 3.83 14.33 22.83
C ILE A 17 4.54 13.13 23.46
N GLN A 18 4.32 11.94 22.90
CA GLN A 18 4.92 10.73 23.44
C GLN A 18 5.81 10.12 22.37
N VAL A 19 6.94 9.54 22.77
CA VAL A 19 7.85 8.86 21.86
C VAL A 19 7.70 7.35 22.06
N LEU A 20 7.37 6.59 21.02
CA LEU A 20 7.25 5.15 21.13
C LEU A 20 8.58 4.50 20.80
N GLU A 21 9.08 3.63 21.71
CA GLU A 21 10.18 2.74 21.34
C GLU A 21 9.83 1.90 20.11
N GLY A 22 10.87 1.52 19.36
CA GLY A 22 10.71 0.79 18.11
C GLY A 22 9.67 -0.30 18.16
N LEU A 23 9.89 -1.38 18.96
CA LEU A 23 8.94 -2.46 18.85
C LEU A 23 7.57 -2.03 19.36
N ASP A 24 7.54 -1.11 20.34
CA ASP A 24 6.26 -0.60 20.83
C ASP A 24 5.49 0.10 19.73
N ALA A 25 6.18 0.71 18.79
CA ALA A 25 5.47 1.43 17.74
C ALA A 25 4.86 0.43 16.77
N VAL A 26 5.53 -0.68 16.54
CA VAL A 26 4.99 -1.73 15.72
C VAL A 26 3.71 -2.27 16.34
N ARG A 27 3.75 -2.54 17.63
CA ARG A 27 2.57 -3.08 18.31
C ARG A 27 1.45 -2.06 18.33
N LYS A 28 1.77 -0.78 18.44
CA LYS A 28 0.73 0.25 18.47
C LYS A 28 0.14 0.48 17.06
N ARG A 29 0.96 0.47 16.03
CA ARG A 29 0.49 0.77 14.68
C ARG A 29 0.88 -0.34 13.71
N PRO A 30 0.34 -1.55 13.90
CA PRO A 30 0.78 -2.64 13.02
C PRO A 30 0.41 -2.43 11.56
N GLY A 31 -0.69 -1.70 11.29
CA GLY A 31 -1.05 -1.45 9.90
C GLY A 31 0.04 -0.74 9.12
N MET A 32 0.88 0.03 9.79
CA MET A 32 1.92 0.71 9.07
C MET A 32 2.99 -0.29 8.59
N TYR A 33 3.12 -1.43 9.27
CA TYR A 33 4.23 -2.36 8.98
C TYR A 33 3.78 -3.61 8.22
N ILE A 34 2.57 -4.13 8.51
CA ILE A 34 2.11 -5.38 7.92
C ILE A 34 0.78 -5.22 7.21
N GLY A 35 0.25 -4.00 7.12
CA GLY A 35 -0.97 -3.79 6.34
C GLY A 35 -2.25 -3.92 7.15
N SER A 36 -2.40 -5.01 7.87
CA SER A 36 -3.65 -5.32 8.57
C SER A 36 -3.36 -6.37 9.62
N THR A 37 -4.34 -6.61 10.49
CA THR A 37 -4.16 -7.55 11.58
C THR A 37 -5.20 -8.65 11.48
N ASP A 38 -5.66 -8.93 10.25
CA ASP A 38 -6.49 -10.07 9.98
C ASP A 38 -5.62 -11.23 9.48
N GLY A 39 -6.23 -12.18 8.78
CA GLY A 39 -5.50 -13.34 8.28
C GLY A 39 -4.39 -12.98 7.32
N ALA A 40 -4.61 -11.96 6.48
CA ALA A 40 -3.53 -11.53 5.58
C ALA A 40 -2.35 -10.98 6.38
N GLY A 41 -2.63 -10.18 7.40
CA GLY A 41 -1.54 -9.69 8.24
C GLY A 41 -0.83 -10.81 9.01
N LEU A 42 -1.59 -11.76 9.56
CA LEU A 42 -1.01 -12.92 10.21
C LEU A 42 -0.02 -13.65 9.29
N HIS A 43 -0.40 -13.93 8.06
CA HIS A 43 0.50 -14.67 7.17
C HIS A 43 1.65 -13.82 6.66
N HIS A 44 1.50 -12.49 6.75
CA HIS A 44 2.59 -11.61 6.42
C HIS A 44 3.85 -11.90 7.29
N LEU A 45 3.59 -12.24 8.54
CA LEU A 45 4.70 -12.58 9.42
C LEU A 45 5.46 -13.78 8.86
N VAL A 46 4.73 -14.79 8.38
CA VAL A 46 5.39 -15.96 7.77
C VAL A 46 6.25 -15.51 6.59
N TRP A 47 5.71 -14.62 5.73
CA TRP A 47 6.46 -14.21 4.54
C TRP A 47 7.76 -13.50 4.94
N GLU A 48 7.73 -12.66 6.02
CA GLU A 48 8.96 -11.99 6.45
C GLU A 48 10.05 -13.01 6.78
N ILE A 49 9.69 -14.04 7.54
CA ILE A 49 10.73 -15.00 7.96
C ILE A 49 11.17 -15.87 6.78
N VAL A 50 10.21 -16.30 5.94
CA VAL A 50 10.57 -17.07 4.72
C VAL A 50 11.42 -16.21 3.78
N ASP A 51 11.04 -14.94 3.57
CA ASP A 51 11.81 -14.08 2.66
C ASP A 51 13.27 -13.97 3.08
N ASN A 52 13.52 -13.89 4.39
CA ASN A 52 14.93 -13.84 4.85
C ASN A 52 15.66 -15.13 4.48
N ALA A 53 14.98 -16.26 4.58
CA ALA A 53 15.66 -17.53 4.22
C ALA A 53 15.90 -17.61 2.71
N VAL A 54 14.94 -17.14 1.93
CA VAL A 54 15.10 -17.09 0.47
C VAL A 54 16.27 -16.16 0.09
N ASP A 55 16.42 -15.04 0.80
CA ASP A 55 17.52 -14.13 0.51
C ASP A 55 18.88 -14.82 0.70
N GLU A 56 19.02 -15.67 1.72
CA GLU A 56 20.23 -16.46 1.87
C GLU A 56 20.46 -17.30 0.63
N ALA A 57 19.40 -17.96 0.17
CA ALA A 57 19.54 -18.86 -0.97
C ALA A 57 19.87 -18.07 -2.24
N LEU A 58 19.27 -16.89 -2.39
CA LEU A 58 19.57 -16.03 -3.54
C LEU A 58 21.02 -15.59 -3.56
N SER A 59 21.66 -15.49 -2.39
CA SER A 59 23.09 -15.21 -2.39
C SER A 59 23.94 -16.49 -2.48
N GLY A 60 23.32 -17.67 -2.60
CA GLY A 60 24.04 -18.91 -2.81
C GLY A 60 24.15 -19.84 -1.61
N PHE A 61 23.44 -19.55 -0.51
CA PHE A 61 23.63 -20.28 0.76
C PHE A 61 22.35 -21.00 1.14
N GLY A 62 22.39 -22.35 1.09
CA GLY A 62 21.23 -23.15 1.47
C GLY A 62 20.42 -23.67 0.31
N ASP A 63 20.02 -24.94 0.36
CA ASP A 63 19.20 -25.48 -0.71
C ASP A 63 17.92 -26.14 -0.19
N ARG A 64 17.54 -25.88 1.04
CA ARG A 64 16.30 -26.43 1.56
C ARG A 64 15.73 -25.42 2.55
N ILE A 65 14.45 -25.10 2.46
CA ILE A 65 13.80 -24.20 3.43
C ILE A 65 12.56 -24.93 3.93
N ASP A 66 12.57 -25.32 5.21
CA ASP A 66 11.49 -26.13 5.79
C ASP A 66 10.61 -25.28 6.68
N VAL A 67 9.32 -25.25 6.38
CA VAL A 67 8.36 -24.55 7.23
C VAL A 67 7.54 -25.58 8.00
N THR A 68 7.39 -25.38 9.32
CA THR A 68 6.56 -26.27 10.14
C THR A 68 5.53 -25.49 10.89
N ILE A 69 4.26 -25.93 10.80
CA ILE A 69 3.21 -25.42 11.68
C ILE A 69 3.13 -26.36 12.88
N ASN A 70 3.50 -25.84 14.05
CA ASN A 70 3.61 -26.70 15.20
C ASN A 70 2.24 -26.94 15.81
N LYS A 71 2.18 -27.97 16.65
CA LYS A 71 0.92 -28.36 17.26
C LYS A 71 0.34 -27.25 18.15
N ASP A 72 1.20 -26.51 18.84
CA ASP A 72 0.69 -25.42 19.67
C ASP A 72 0.28 -24.18 18.84
N GLY A 73 0.35 -24.23 17.51
CA GLY A 73 -0.02 -23.12 16.63
C GLY A 73 1.10 -22.13 16.33
N SER A 74 2.28 -22.30 16.91
CA SER A 74 3.45 -21.55 16.48
C SER A 74 3.89 -22.04 15.11
N LEU A 75 4.83 -21.29 14.52
CA LEU A 75 5.33 -21.56 13.18
C LEU A 75 6.85 -21.48 13.20
N THR A 76 7.48 -22.47 12.56
CA THR A 76 8.94 -22.51 12.45
C THR A 76 9.37 -22.38 10.99
N VAL A 77 10.42 -21.61 10.73
CA VAL A 77 11.09 -21.64 9.40
C VAL A 77 12.53 -22.00 9.64
N GLN A 78 13.03 -23.05 8.98
CA GLN A 78 14.40 -23.49 9.15
C GLN A 78 15.13 -23.40 7.83
N ASP A 79 16.31 -22.75 7.82
CA ASP A 79 17.09 -22.73 6.59
C ASP A 79 18.48 -23.26 6.85
N HIS A 80 19.23 -23.43 5.78
CA HIS A 80 20.59 -23.92 5.89
C HIS A 80 21.53 -22.90 5.29
N GLY A 81 21.17 -21.63 5.41
CA GLY A 81 22.02 -20.55 4.96
C GLY A 81 23.18 -20.37 5.92
N ARG A 82 23.78 -19.18 5.87
CA ARG A 82 24.99 -18.92 6.63
C ARG A 82 24.74 -18.78 8.13
N GLY A 83 23.48 -18.61 8.53
CA GLY A 83 23.21 -18.32 9.91
C GLY A 83 23.38 -16.84 10.17
N MET A 84 22.67 -16.29 11.17
CA MET A 84 22.95 -14.93 11.62
C MET A 84 24.28 -14.83 12.36
N PRO A 85 24.95 -13.68 12.31
CA PRO A 85 26.19 -13.54 13.07
C PRO A 85 25.94 -13.76 14.55
N THR A 86 26.87 -14.45 15.21
CA THR A 86 26.69 -14.89 16.59
C THR A 86 27.49 -14.07 17.59
N GLY A 87 28.06 -12.94 17.19
CA GLY A 87 28.92 -12.16 18.05
C GLY A 87 28.24 -10.89 18.54
N MET A 88 29.06 -9.99 19.06
CA MET A 88 28.62 -8.74 19.67
C MET A 88 28.57 -7.66 18.60
N HIS A 89 27.45 -6.96 18.51
CA HIS A 89 27.29 -5.88 17.56
C HIS A 89 27.91 -4.59 18.08
N ALA A 90 28.25 -3.71 17.14
CA ALA A 90 28.87 -2.45 17.51
C ALA A 90 27.97 -1.58 18.38
N MET A 91 26.66 -1.82 18.37
CA MET A 91 25.82 -0.90 19.14
C MET A 91 25.71 -1.31 20.59
N GLY A 92 26.22 -2.50 20.96
CA GLY A 92 26.32 -2.82 22.36
C GLY A 92 25.76 -4.14 22.78
N ILE A 93 24.88 -4.74 21.97
CA ILE A 93 24.25 -6.02 22.27
C ILE A 93 24.59 -7.04 21.19
N PRO A 94 24.27 -8.31 21.38
CA PRO A 94 24.54 -9.31 20.35
C PRO A 94 23.82 -8.96 19.05
N THR A 95 24.49 -9.24 17.94
CA THR A 95 23.92 -8.99 16.62
C THR A 95 22.54 -9.61 16.47
N VAL A 96 22.34 -10.83 16.97
CA VAL A 96 21.04 -11.48 16.83
C VAL A 96 19.96 -10.65 17.48
N GLU A 97 20.27 -10.08 18.65
CA GLU A 97 19.31 -9.25 19.34
C GLU A 97 19.03 -7.96 18.56
N VAL A 98 20.07 -7.40 17.94
CA VAL A 98 19.85 -6.21 17.10
C VAL A 98 18.89 -6.55 15.96
N ILE A 99 19.12 -7.69 15.30
CA ILE A 99 18.28 -8.08 14.17
C ILE A 99 16.82 -8.14 14.58
N PHE A 100 16.54 -8.72 15.77
CA PHE A 100 15.17 -8.96 16.15
C PHE A 100 14.54 -7.84 16.97
N THR A 101 15.33 -6.89 17.48
CA THR A 101 14.73 -5.86 18.32
C THR A 101 14.90 -4.44 17.80
N ILE A 102 15.64 -4.21 16.71
CA ILE A 102 15.93 -2.83 16.27
C ILE A 102 15.36 -2.66 14.86
N LEU A 103 14.47 -1.67 14.67
CA LEU A 103 13.96 -1.37 13.34
C LEU A 103 15.03 -0.68 12.49
N HIS A 104 15.00 -0.96 11.20
CA HIS A 104 15.96 -0.41 10.25
C HIS A 104 17.39 -0.84 10.59
N ALA A 105 17.53 -2.13 10.89
CA ALA A 105 18.83 -2.72 11.21
C ALA A 105 18.97 -3.99 10.40
N GLY A 106 19.97 -4.06 9.52
CA GLY A 106 20.09 -5.29 8.74
C GLY A 106 21.30 -5.28 7.84
N GLY A 107 21.38 -6.32 6.99
CA GLY A 107 22.53 -6.49 6.10
C GLY A 107 22.25 -6.20 4.64
N LYS A 108 21.11 -5.58 4.32
CA LYS A 108 20.70 -5.39 2.93
C LYS A 108 20.58 -3.91 2.56
N PHE A 109 21.49 -3.10 3.11
CA PHE A 109 21.61 -1.68 2.77
C PHE A 109 22.73 -1.39 1.78
N GLY A 110 23.18 -2.39 1.01
CA GLY A 110 24.30 -2.23 0.12
C GLY A 110 25.67 -2.56 0.70
N GLN A 111 25.78 -3.00 1.96
CA GLN A 111 27.13 -3.16 2.53
C GLN A 111 27.91 -4.25 1.82
N GLY A 112 27.22 -5.33 1.39
CA GLY A 112 27.89 -6.41 0.69
C GLY A 112 27.64 -7.80 1.24
N GLY A 113 26.99 -7.94 2.39
CA GLY A 113 26.71 -9.27 2.90
C GLY A 113 25.75 -10.09 2.06
N TYR A 114 24.99 -9.45 1.20
CA TYR A 114 23.99 -10.09 0.34
C TYR A 114 24.20 -9.62 -1.09
N LYS A 115 24.02 -10.53 -2.05
CA LYS A 115 23.75 -10.13 -3.42
C LYS A 115 22.37 -9.49 -3.49
N THR A 116 21.71 -9.57 -4.64
CA THR A 116 20.37 -9.04 -4.76
CA THR A 116 20.37 -9.03 -4.76
C THR A 116 19.43 -9.78 -3.81
N SER A 117 18.62 -9.04 -3.07
CA SER A 117 17.75 -9.63 -2.07
C SER A 117 16.36 -9.01 -2.16
N GLY A 118 15.37 -9.74 -1.65
CA GLY A 118 14.05 -9.15 -1.43
C GLY A 118 14.00 -8.21 -0.23
N GLY A 119 14.73 -8.55 0.84
CA GLY A 119 14.80 -7.65 1.98
C GLY A 119 15.58 -6.39 1.63
N LEU A 120 15.17 -5.28 2.25
CA LEU A 120 15.87 -4.02 2.06
C LEU A 120 15.56 -3.01 3.17
N HIS A 121 14.48 -3.20 3.98
CA HIS A 121 14.13 -2.16 4.95
C HIS A 121 14.80 -2.34 6.32
N GLY A 122 15.29 -3.52 6.63
CA GLY A 122 15.81 -3.77 7.98
C GLY A 122 14.73 -3.89 9.05
N VAL A 123 13.50 -4.26 8.69
CA VAL A 123 12.45 -4.25 9.72
C VAL A 123 11.79 -5.63 9.87
N GLY A 124 11.82 -6.45 8.84
CA GLY A 124 10.95 -7.65 8.81
C GLY A 124 11.06 -8.55 10.07
N SER A 125 12.25 -9.03 10.42
CA SER A 125 12.36 -9.94 11.58
C SER A 125 11.94 -9.24 12.87
N SER A 126 12.31 -7.97 13.03
CA SER A 126 11.94 -7.26 14.24
C SER A 126 10.43 -7.00 14.30
N VAL A 127 9.76 -6.87 13.14
CA VAL A 127 8.30 -6.75 13.14
C VAL A 127 7.65 -8.04 13.62
N VAL A 128 8.14 -9.17 13.14
CA VAL A 128 7.59 -10.48 13.56
C VAL A 128 7.74 -10.62 15.06
N ASN A 129 8.92 -10.25 15.57
CA ASN A 129 9.17 -10.35 17.03
C ASN A 129 8.20 -9.44 17.80
N ALA A 130 8.04 -8.19 17.34
CA ALA A 130 7.17 -7.24 18.04
C ALA A 130 5.74 -7.75 18.11
N LEU A 131 5.29 -8.47 17.07
CA LEU A 131 3.90 -8.89 16.97
C LEU A 131 3.70 -10.34 17.41
N SER A 132 4.68 -10.91 18.12
CA SER A 132 4.61 -12.27 18.61
C SER A 132 4.56 -12.28 20.14
N SER A 133 3.77 -13.18 20.72
CA SER A 133 3.85 -13.28 22.18
C SER A 133 5.11 -14.05 22.63
N TRP A 134 5.77 -14.77 21.71
CA TRP A 134 7.15 -15.21 21.96
C TRP A 134 7.80 -15.57 20.64
N LEU A 135 9.13 -15.57 20.65
CA LEU A 135 9.88 -15.91 19.46
C LEU A 135 11.19 -16.50 19.91
N GLU A 136 11.62 -17.53 19.23
CA GLU A 136 12.90 -18.17 19.46
C GLU A 136 13.70 -18.27 18.19
N VAL A 137 15.00 -18.10 18.29
CA VAL A 137 15.90 -18.29 17.19
C VAL A 137 17.04 -19.22 17.57
N GLU A 138 17.37 -20.16 16.71
CA GLU A 138 18.54 -20.96 16.86
C GLU A 138 19.43 -20.80 15.65
N ILE A 139 20.69 -20.47 15.91
CA ILE A 139 21.69 -20.25 14.87
C ILE A 139 22.72 -21.36 14.96
N THR A 140 23.04 -21.98 13.82
CA THR A 140 24.09 -22.99 13.75
C THR A 140 25.27 -22.39 13.00
N ARG A 141 26.44 -22.38 13.67
CA ARG A 141 27.64 -21.79 13.07
C ARG A 141 28.86 -22.33 13.81
N ASP A 142 29.94 -22.55 13.07
CA ASP A 142 31.25 -22.80 13.68
C ASP A 142 31.18 -23.96 14.67
N GLY A 143 30.40 -24.98 14.33
CA GLY A 143 30.33 -26.16 15.16
C GLY A 143 29.45 -26.10 16.40
N ALA A 144 28.58 -25.09 16.54
CA ALA A 144 27.73 -24.96 17.72
C ALA A 144 26.34 -24.48 17.32
N VAL A 145 25.36 -24.73 18.20
CA VAL A 145 23.99 -24.22 18.04
C VAL A 145 23.68 -23.23 19.17
N TYR A 146 23.29 -22.01 18.81
CA TYR A 146 22.99 -20.97 19.77
C TYR A 146 21.49 -20.66 19.76
N LYS A 147 20.94 -20.29 20.90
CA LYS A 147 19.52 -19.99 20.95
C LYS A 147 19.25 -18.71 21.75
N GLN A 148 18.29 -17.91 21.28
CA GLN A 148 17.82 -16.82 22.15
C GLN A 148 16.31 -16.81 22.09
N ARG A 149 15.67 -16.39 23.18
CA ARG A 149 14.22 -16.30 23.23
C ARG A 149 13.77 -14.90 23.62
N PHE A 150 12.63 -14.49 23.07
CA PHE A 150 12.00 -13.20 23.29
C PHE A 150 10.55 -13.48 23.69
N GLU A 151 9.96 -12.60 24.53
CA GLU A 151 8.57 -12.77 24.91
C GLU A 151 7.85 -11.42 24.91
N ASN A 152 6.54 -11.49 24.72
CA ASN A 152 5.67 -10.35 25.02
C ASN A 152 6.00 -9.18 24.10
N GLY A 153 6.09 -9.46 22.81
CA GLY A 153 6.35 -8.37 21.88
C GLY A 153 7.81 -8.01 21.75
N GLY A 154 8.72 -8.97 21.91
CA GLY A 154 10.10 -8.74 21.54
C GLY A 154 11.08 -8.45 22.65
N LYS A 155 10.69 -8.67 23.92
CA LYS A 155 11.62 -8.44 25.00
C LYS A 155 12.49 -9.69 25.20
N PRO A 156 13.82 -9.58 25.11
CA PRO A 156 14.67 -10.75 25.34
C PRO A 156 14.42 -11.32 26.73
N VAL A 157 14.22 -12.64 26.84
CA VAL A 157 14.17 -13.28 28.15
C VAL A 157 15.37 -14.16 28.43
N THR A 158 16.21 -14.41 27.44
CA THR A 158 17.49 -15.08 27.67
C THR A 158 18.52 -14.27 26.92
N THR A 159 19.78 -14.53 27.21
CA THR A 159 20.83 -14.10 26.31
C THR A 159 20.95 -15.11 25.17
N LEU A 160 21.81 -14.83 24.19
CA LEU A 160 22.11 -15.83 23.18
C LEU A 160 23.08 -16.84 23.79
N LYS A 161 22.67 -18.11 23.91
CA LYS A 161 23.41 -19.13 24.67
C LYS A 161 23.62 -20.37 23.82
N LYS A 162 24.76 -21.03 24.01
CA LYS A 162 25.01 -22.27 23.27
C LYS A 162 24.09 -23.37 23.81
N ILE A 163 23.38 -24.08 22.93
CA ILE A 163 22.54 -25.19 23.37
C ILE A 163 22.94 -26.55 22.76
N GLY A 164 24.00 -26.61 21.94
CA GLY A 164 24.42 -27.90 21.38
C GLY A 164 25.60 -27.69 20.44
N THR A 165 26.04 -28.78 19.82
CA THR A 165 27.13 -28.73 18.85
C THR A 165 26.60 -29.08 17.46
N ALA A 166 27.43 -28.83 16.45
CA ALA A 166 27.09 -29.08 15.04
C ALA A 166 28.35 -29.42 14.26
N PRO A 167 28.22 -30.12 13.13
CA PRO A 167 29.41 -30.42 12.32
C PRO A 167 30.07 -29.14 11.83
N LYS A 168 31.38 -29.21 11.65
CA LYS A 168 32.17 -28.00 11.48
C LYS A 168 31.64 -27.13 10.35
N SER A 169 31.10 -27.74 9.29
CA SER A 169 30.69 -26.99 8.11
C SER A 169 29.22 -26.60 8.10
N LYS A 170 28.39 -27.16 8.98
CA LYS A 170 26.94 -26.93 8.95
C LYS A 170 26.58 -25.53 9.44
N THR A 171 25.63 -24.86 8.78
CA THR A 171 25.21 -23.53 9.17
C THR A 171 23.71 -23.44 8.94
N GLY A 172 23.04 -22.50 9.61
CA GLY A 172 21.66 -22.20 9.30
C GLY A 172 21.00 -21.41 10.41
N THR A 173 19.75 -21.07 10.16
CA THR A 173 18.93 -20.27 11.08
C THR A 173 17.57 -20.94 11.19
N LYS A 174 17.08 -21.07 12.42
CA LYS A 174 15.74 -21.61 12.67
C LYS A 174 15.00 -20.60 13.52
N VAL A 175 13.87 -20.09 13.01
CA VAL A 175 13.05 -19.09 13.71
C VAL A 175 11.71 -19.73 13.98
N THR A 176 11.27 -19.71 15.25
CA THR A 176 9.93 -20.14 15.63
C THR A 176 9.22 -19.01 16.35
N PHE A 177 7.96 -18.75 16.00
CA PHE A 177 7.27 -17.66 16.67
C PHE A 177 5.79 -17.99 16.87
N MET A 178 5.23 -17.41 17.93
CA MET A 178 3.83 -17.52 18.28
C MET A 178 3.24 -16.13 18.07
N PRO A 179 2.38 -15.94 17.07
CA PRO A 179 1.82 -14.61 16.81
C PRO A 179 0.93 -14.18 17.96
N ASP A 180 0.92 -12.87 18.23
CA ASP A 180 0.25 -12.39 19.44
C ASP A 180 -1.26 -12.41 19.27
N ALA A 181 -1.97 -13.28 20.03
CA ALA A 181 -3.42 -13.36 19.90
C ALA A 181 -4.15 -12.11 20.40
N THR A 182 -3.46 -11.21 21.07
CA THR A 182 -4.05 -9.95 21.47
C THR A 182 -3.98 -8.90 20.36
N ILE A 183 -3.21 -9.17 19.32
CA ILE A 183 -3.05 -8.27 18.16
C ILE A 183 -3.94 -8.71 17.01
N PHE A 184 -3.83 -9.98 16.62
CA PHE A 184 -4.47 -10.52 15.42
C PHE A 184 -5.88 -10.98 15.70
N SER A 185 -6.77 -10.75 14.71
CA SER A 185 -8.12 -11.27 14.84
C SER A 185 -8.21 -12.78 14.62
N THR A 186 -7.20 -13.37 13.98
CA THR A 186 -7.07 -14.83 13.88
C THR A 186 -5.60 -15.12 14.03
N THR A 187 -5.28 -16.23 14.72
CA THR A 187 -3.89 -16.71 14.77
C THR A 187 -3.79 -18.15 14.21
N ASP A 188 -4.79 -18.59 13.44
CA ASP A 188 -4.85 -19.93 12.84
C ASP A 188 -4.09 -19.90 11.53
N PHE A 189 -2.86 -20.39 11.50
CA PHE A 189 -2.14 -20.41 10.23
C PHE A 189 -2.83 -21.38 9.26
N LYS A 190 -2.91 -21.01 7.97
CA LYS A 190 -3.64 -21.80 7.00
C LYS A 190 -2.70 -22.56 6.08
N TYR A 191 -2.87 -23.87 6.07
CA TYR A 191 -1.99 -24.75 5.28
C TYR A 191 -1.96 -24.36 3.80
N ASN A 192 -3.15 -24.13 3.19
CA ASN A 192 -3.20 -23.80 1.76
C ASN A 192 -2.58 -22.45 1.47
N THR A 193 -2.76 -21.48 2.37
CA THR A 193 -2.19 -20.15 2.11
C THR A 193 -0.68 -20.26 2.04
N ILE A 194 -0.10 -20.98 3.00
CA ILE A 194 1.37 -21.08 3.07
C ILE A 194 1.87 -21.96 1.96
N SER A 195 1.15 -23.06 1.69
CA SER A 195 1.53 -23.96 0.61
C SER A 195 1.59 -23.24 -0.75
N GLU A 196 0.57 -22.41 -1.06
CA GLU A 196 0.58 -21.68 -2.32
C GLU A 196 1.79 -20.77 -2.43
N ARG A 197 2.13 -20.08 -1.33
CA ARG A 197 3.25 -19.12 -1.36
C ARG A 197 4.58 -19.86 -1.50
N LEU A 198 4.75 -20.98 -0.79
CA LEU A 198 6.00 -21.74 -0.94
C LEU A 198 6.14 -22.32 -2.35
N ASN A 199 5.03 -22.76 -2.93
CA ASN A 199 5.05 -23.25 -4.29
C ASN A 199 5.56 -22.17 -5.26
N GLU A 200 5.01 -20.97 -5.17
CA GLU A 200 5.47 -19.86 -6.00
CA GLU A 200 5.45 -19.83 -5.94
C GLU A 200 6.95 -19.58 -5.73
N SER A 201 7.37 -19.57 -4.46
CA SER A 201 8.78 -19.35 -4.12
C SER A 201 9.69 -20.41 -4.72
N ALA A 202 9.24 -21.67 -4.77
CA ALA A 202 10.09 -22.73 -5.31
C ALA A 202 10.36 -22.54 -6.82
N PHE A 203 9.37 -22.08 -7.59
CA PHE A 203 9.64 -21.88 -9.01
C PHE A 203 10.82 -20.95 -9.23
N LEU A 204 10.97 -19.95 -8.36
CA LEU A 204 11.93 -18.88 -8.57
C LEU A 204 13.31 -19.19 -7.97
N LEU A 205 13.46 -20.33 -7.30
CA LEU A 205 14.74 -20.78 -6.73
C LEU A 205 15.05 -22.14 -7.33
N LYS A 206 15.82 -22.14 -8.41
CA LYS A 206 16.18 -23.38 -9.09
C LYS A 206 16.78 -24.40 -8.12
N ASN A 207 16.15 -25.56 -8.04
CA ASN A 207 16.72 -26.69 -7.30
C ASN A 207 16.88 -26.40 -5.82
N VAL A 208 16.05 -25.53 -5.25
CA VAL A 208 15.94 -25.41 -3.81
C VAL A 208 14.63 -26.07 -3.42
N THR A 209 14.67 -26.95 -2.41
CA THR A 209 13.44 -27.57 -1.98
C THR A 209 12.83 -26.76 -0.86
N LEU A 210 11.56 -26.40 -1.00
CA LEU A 210 10.81 -25.76 0.08
C LEU A 210 9.77 -26.76 0.52
N SER A 211 9.54 -26.83 1.82
CA SER A 211 8.58 -27.81 2.32
C SER A 211 7.69 -27.20 3.38
N LEU A 212 6.52 -27.80 3.55
CA LEU A 212 5.58 -27.41 4.60
C LEU A 212 5.16 -28.67 5.32
N THR A 213 5.25 -28.68 6.64
CA THR A 213 4.78 -29.78 7.49
C THR A 213 3.83 -29.19 8.51
N ASP A 214 2.64 -29.77 8.60
CA ASP A 214 1.63 -29.31 9.56
C ASP A 214 1.46 -30.38 10.63
N LYS A 215 2.03 -30.13 11.82
CA LYS A 215 1.95 -31.11 12.92
C LYS A 215 0.56 -31.17 13.51
N ARG A 216 -0.31 -30.21 13.21
CA ARG A 216 -1.65 -30.24 13.78
C ARG A 216 -2.45 -31.40 13.22
N THR A 217 -2.22 -31.71 11.93
CA THR A 217 -2.96 -32.75 11.26
C THR A 217 -2.05 -33.77 10.61
N ASP A 218 -0.71 -33.60 10.71
CA ASP A 218 0.26 -34.56 10.19
C ASP A 218 0.21 -34.62 8.66
N GLU A 219 0.13 -33.48 8.01
CA GLU A 219 0.16 -33.43 6.55
C GLU A 219 1.44 -32.74 6.14
N ALA A 220 1.99 -33.10 4.99
CA ALA A 220 3.20 -32.39 4.53
C ALA A 220 3.22 -32.32 3.02
N ILE A 221 3.94 -31.32 2.49
CA ILE A 221 4.10 -31.18 1.04
C ILE A 221 5.45 -30.52 0.78
N GLU A 222 6.08 -30.88 -0.35
CA GLU A 222 7.31 -30.23 -0.78
C GLU A 222 7.18 -29.69 -2.19
N PHE A 223 7.99 -28.69 -2.47
CA PHE A 223 8.06 -28.07 -3.78
C PHE A 223 9.50 -27.97 -4.22
N HIS A 224 9.77 -28.38 -5.47
CA HIS A 224 11.11 -28.37 -6.04
C HIS A 224 10.95 -28.35 -7.55
N TYR A 225 11.57 -27.36 -8.22
CA TYR A 225 11.43 -27.17 -9.67
C TYR A 225 12.78 -26.85 -10.27
N GLU A 226 13.05 -27.44 -11.43
CA GLU A 226 14.31 -27.25 -12.15
C GLU A 226 14.28 -26.10 -13.15
N ASN A 227 13.12 -25.73 -13.69
CA ASN A 227 13.10 -24.83 -14.84
C ASN A 227 12.34 -23.52 -14.60
N GLY A 228 12.29 -23.04 -13.35
CA GLY A 228 11.98 -21.64 -13.12
C GLY A 228 10.64 -21.17 -13.66
N VAL A 229 10.64 -19.99 -14.28
CA VAL A 229 9.39 -19.38 -14.72
C VAL A 229 8.71 -20.21 -15.82
N GLN A 230 9.45 -21.04 -16.56
CA GLN A 230 8.80 -21.93 -17.54
C GLN A 230 7.94 -23.00 -16.86
N ASP A 231 8.45 -23.59 -15.76
CA ASP A 231 7.63 -24.52 -14.98
C ASP A 231 6.45 -23.77 -14.37
N PHE A 232 6.69 -22.52 -13.94
CA PHE A 232 5.65 -21.74 -13.31
C PHE A 232 4.50 -21.52 -14.28
N VAL A 233 4.80 -21.06 -15.49
N VAL A 233 4.81 -21.06 -15.50
CA VAL A 233 3.74 -20.80 -16.45
CA VAL A 233 3.75 -20.79 -16.49
C VAL A 233 2.96 -22.08 -16.74
C VAL A 233 2.97 -22.07 -16.78
N SER A 234 3.65 -23.20 -16.89
CA SER A 234 2.95 -24.46 -17.14
C SER A 234 2.00 -24.78 -16.01
N TYR A 235 2.43 -24.50 -14.77
CA TYR A 235 1.55 -24.67 -13.60
C TYR A 235 0.30 -23.79 -13.71
N LEU A 236 0.44 -22.52 -14.13
CA LEU A 236 -0.72 -21.64 -14.21
C LEU A 236 -1.73 -22.16 -15.19
N ASN A 237 -1.27 -22.86 -16.23
CA ASN A 237 -2.16 -23.36 -17.28
C ASN A 237 -2.51 -24.83 -17.10
N GLU A 238 -2.18 -25.40 -15.94
CA GLU A 238 -2.28 -26.83 -15.68
C GLU A 238 -3.66 -27.39 -15.96
N ASP A 239 -4.71 -26.71 -15.51
CA ASP A 239 -6.05 -27.26 -15.72
C ASP A 239 -6.75 -26.62 -16.91
N LYS A 240 -6.00 -26.09 -17.88
CA LYS A 240 -6.56 -25.47 -19.07
C LYS A 240 -5.97 -26.11 -20.32
N GLU A 241 -6.65 -25.89 -21.45
CA GLU A 241 -6.13 -26.25 -22.77
C GLU A 241 -5.25 -25.11 -23.25
N ILE A 242 -4.08 -25.43 -23.79
CA ILE A 242 -3.10 -24.42 -24.15
C ILE A 242 -3.11 -24.23 -25.65
N LEU A 243 -2.81 -23.02 -26.07
CA LEU A 243 -2.83 -22.66 -27.48
C LEU A 243 -1.44 -22.41 -28.06
N THR A 244 -0.41 -22.29 -27.24
CA THR A 244 0.93 -22.07 -27.72
C THR A 244 1.88 -22.87 -26.85
N PRO A 245 3.12 -23.11 -27.31
CA PRO A 245 4.18 -23.53 -26.39
C PRO A 245 4.48 -22.47 -25.34
N VAL A 246 5.35 -22.80 -24.39
CA VAL A 246 5.85 -21.80 -23.44
C VAL A 246 6.91 -20.97 -24.15
N LEU A 247 6.65 -19.66 -24.26
CA LEU A 247 7.63 -18.74 -24.81
C LEU A 247 8.49 -18.23 -23.66
N TYR A 248 9.81 -18.31 -23.80
CA TYR A 248 10.73 -17.91 -22.73
C TYR A 248 11.67 -16.82 -23.22
N PHE A 249 11.74 -15.69 -22.51
CA PHE A 249 12.62 -14.58 -22.88
C PHE A 249 13.43 -14.18 -21.68
N GLU A 250 14.72 -13.94 -21.88
CA GLU A 250 15.56 -13.51 -20.78
C GLU A 250 16.61 -12.50 -21.26
N GLY A 251 17.11 -11.70 -20.34
CA GLY A 251 18.14 -10.73 -20.72
C GLY A 251 18.68 -10.03 -19.48
N GLU A 252 19.71 -9.24 -19.71
CA GLU A 252 20.38 -8.51 -18.65
C GLU A 252 20.64 -7.09 -19.13
N ASP A 253 20.71 -6.15 -18.18
CA ASP A 253 20.89 -4.75 -18.53
C ASP A 253 21.44 -4.03 -17.31
N ASN A 254 22.75 -3.80 -17.29
CA ASN A 254 23.40 -2.98 -16.27
C ASN A 254 23.05 -3.45 -14.86
N GLY A 255 23.27 -4.75 -14.61
CA GLY A 255 23.00 -5.32 -13.32
C GLY A 255 21.58 -5.82 -13.11
N PHE A 256 20.63 -5.37 -13.90
CA PHE A 256 19.27 -5.91 -13.88
C PHE A 256 19.22 -7.23 -14.65
N GLN A 257 18.38 -8.14 -14.19
CA GLN A 257 18.21 -9.43 -14.87
C GLN A 257 16.72 -9.68 -15.05
N VAL A 258 16.33 -10.12 -16.22
CA VAL A 258 14.93 -10.31 -16.52
C VAL A 258 14.67 -11.69 -17.11
N GLU A 259 13.63 -12.32 -16.61
CA GLU A 259 13.13 -13.53 -17.16
C GLU A 259 11.65 -13.46 -17.24
N VAL A 260 11.11 -13.88 -18.34
CA VAL A 260 9.70 -13.98 -18.49
C VAL A 260 9.27 -15.20 -19.30
N ALA A 261 8.21 -15.83 -18.87
CA ALA A 261 7.66 -16.94 -19.64
C ALA A 261 6.19 -16.62 -19.89
N LEU A 262 5.72 -16.94 -21.09
CA LEU A 262 4.37 -16.65 -21.54
C LEU A 262 3.77 -17.88 -22.22
N GLN A 263 2.47 -18.08 -22.05
CA GLN A 263 1.81 -19.14 -22.80
C GLN A 263 0.32 -18.84 -22.81
N TYR A 264 -0.32 -18.97 -24.00
CA TYR A 264 -1.76 -18.78 -24.10
C TYR A 264 -2.58 -20.03 -23.77
N ASN A 265 -3.62 -19.86 -22.97
CA ASN A 265 -4.65 -20.88 -22.86
C ASN A 265 -5.84 -20.49 -23.74
N ASP A 266 -6.84 -21.36 -23.78
CA ASP A 266 -8.04 -21.13 -24.58
C ASP A 266 -9.07 -20.27 -23.85
N GLY A 267 -8.75 -19.83 -22.64
CA GLY A 267 -9.61 -18.94 -21.90
C GLY A 267 -9.50 -17.48 -22.33
N PHE A 268 -10.26 -16.65 -21.64
CA PHE A 268 -10.33 -15.23 -21.94
C PHE A 268 -9.80 -14.36 -20.82
N SER A 269 -9.38 -14.95 -19.71
CA SER A 269 -8.80 -14.19 -18.62
C SER A 269 -7.29 -14.01 -18.84
N ASP A 270 -6.73 -12.96 -18.26
CA ASP A 270 -5.29 -12.76 -18.29
C ASP A 270 -4.72 -12.97 -16.89
N ASN A 271 -3.56 -13.59 -16.81
CA ASN A 271 -3.07 -14.12 -15.54
C ASN A 271 -1.57 -13.85 -15.57
N ILE A 272 -1.20 -12.63 -15.19
CA ILE A 272 0.19 -12.24 -15.21
C ILE A 272 0.68 -12.02 -13.77
N LEU A 273 1.74 -12.74 -13.42
CA LEU A 273 2.34 -12.65 -12.09
C LEU A 273 3.74 -12.04 -12.23
N SER A 274 4.08 -11.17 -11.28
CA SER A 274 5.38 -10.52 -11.35
C SER A 274 6.05 -10.61 -9.99
N PHE A 275 7.37 -10.55 -10.04
CA PHE A 275 8.23 -10.78 -8.90
C PHE A 275 9.46 -9.92 -9.05
N VAL A 276 9.99 -9.44 -7.92
CA VAL A 276 11.20 -8.65 -7.89
C VAL A 276 12.09 -9.26 -6.81
N ASN A 277 13.29 -9.74 -7.17
CA ASN A 277 14.17 -10.40 -6.20
C ASN A 277 13.40 -11.47 -5.42
N ASN A 278 12.54 -12.20 -6.13
CA ASN A 278 11.72 -13.32 -5.68
C ASN A 278 10.56 -12.89 -4.79
N VAL A 279 10.33 -11.60 -4.58
CA VAL A 279 9.17 -11.12 -3.84
C VAL A 279 8.01 -10.92 -4.84
N ARG A 280 6.88 -11.57 -4.57
CA ARG A 280 5.64 -11.33 -5.34
C ARG A 280 5.22 -9.87 -5.22
N THR A 281 5.02 -9.20 -6.36
CA THR A 281 4.42 -7.86 -6.37
C THR A 281 3.02 -7.99 -6.98
N LYS A 282 2.02 -8.30 -6.14
CA LYS A 282 0.70 -8.58 -6.62
C LYS A 282 0.04 -7.38 -7.35
N ASP A 283 0.42 -6.15 -6.99
CA ASP A 283 -0.10 -4.97 -7.68
C ASP A 283 0.87 -4.49 -8.76
N GLY A 284 1.86 -5.31 -9.12
CA GLY A 284 2.71 -4.96 -10.26
C GLY A 284 3.66 -3.79 -9.97
N GLY A 285 3.61 -2.77 -10.84
CA GLY A 285 4.52 -1.63 -10.77
C GLY A 285 5.36 -1.50 -12.03
N THR A 286 6.52 -0.85 -11.95
CA THR A 286 7.24 -0.43 -13.15
C THR A 286 7.69 -1.60 -14.02
N HIS A 287 8.02 -2.75 -13.42
CA HIS A 287 8.45 -3.91 -14.21
C HIS A 287 7.27 -4.52 -14.99
N GLU A 288 6.07 -4.62 -14.35
CA GLU A 288 4.89 -5.13 -15.06
CA GLU A 288 4.89 -5.13 -15.06
C GLU A 288 4.42 -4.16 -16.13
N THR A 289 4.50 -2.86 -15.85
CA THR A 289 4.17 -1.86 -16.88
C THR A 289 5.05 -2.02 -18.11
N GLY A 290 6.35 -2.15 -17.91
CA GLY A 290 7.25 -2.39 -19.03
C GLY A 290 6.88 -3.64 -19.81
N LEU A 291 6.59 -4.74 -19.11
CA LEU A 291 6.18 -5.95 -19.80
C LEU A 291 4.91 -5.74 -20.62
N LYS A 292 3.87 -5.19 -20.02
CA LYS A 292 2.61 -4.99 -20.75
C LYS A 292 2.80 -4.05 -21.95
N SER A 293 3.59 -2.98 -21.77
CA SER A 293 3.86 -2.04 -22.87
C SER A 293 4.56 -2.72 -24.03
N ALA A 294 5.56 -3.53 -23.73
CA ALA A 294 6.32 -4.22 -24.77
C ALA A 294 5.42 -5.16 -25.56
N ILE A 295 4.57 -5.91 -24.88
CA ILE A 295 3.70 -6.85 -25.58
C ILE A 295 2.78 -6.10 -26.53
N THR A 296 2.09 -5.07 -26.04
CA THR A 296 1.12 -4.40 -26.88
C THR A 296 1.80 -3.77 -28.10
N LYS A 297 2.95 -3.13 -27.88
CA LYS A 297 3.61 -2.38 -28.93
C LYS A 297 4.14 -3.32 -30.02
N VAL A 298 4.82 -4.40 -29.60
CA VAL A 298 5.43 -5.32 -30.56
C VAL A 298 4.35 -6.10 -31.33
N MET A 299 3.28 -6.52 -30.63
CA MET A 299 2.22 -7.29 -31.31
C MET A 299 1.45 -6.39 -32.31
N ASN A 300 1.16 -5.12 -31.93
CA ASN A 300 0.54 -4.22 -32.92
C ASN A 300 1.46 -3.91 -34.08
N ASP A 301 2.75 -3.73 -33.80
CA ASP A 301 3.70 -3.54 -34.90
C ASP A 301 3.71 -4.73 -35.84
N TYR A 302 3.67 -5.95 -35.29
CA TYR A 302 3.67 -7.13 -36.15
C TYR A 302 2.39 -7.21 -36.95
N ALA A 303 1.26 -6.96 -36.29
CA ALA A 303 -0.04 -7.02 -36.96
C ALA A 303 -0.10 -6.03 -38.13
N ARG A 304 0.43 -4.82 -37.93
CA ARG A 304 0.38 -3.79 -38.96
C ARG A 304 1.37 -4.07 -40.08
N LYS A 305 2.57 -4.54 -39.76
CA LYS A 305 3.53 -4.65 -40.85
C LYS A 305 3.26 -5.89 -41.71
N THR A 306 2.39 -6.78 -41.25
CA THR A 306 1.96 -7.93 -42.04
C THR A 306 0.63 -7.69 -42.74
N GLY A 307 0.02 -6.53 -42.58
CA GLY A 307 -1.27 -6.28 -43.19
C GLY A 307 -2.46 -6.96 -42.48
N LEU A 308 -2.23 -7.62 -41.35
CA LEU A 308 -3.35 -8.22 -40.59
C LEU A 308 -4.21 -7.12 -39.96
N LEU A 309 -3.60 -5.98 -39.61
CA LEU A 309 -4.29 -4.72 -39.36
C LEU A 309 -4.05 -3.86 -40.60
N LYS A 310 -5.12 -3.48 -41.30
CA LYS A 310 -5.01 -2.71 -42.53
C LYS A 310 -4.79 -1.25 -42.22
N GLU A 311 -4.51 -0.48 -43.26
CA GLU A 311 -4.24 0.95 -43.10
C GLU A 311 -5.30 1.64 -42.28
N LYS A 312 -6.58 1.39 -42.58
CA LYS A 312 -7.67 2.08 -41.89
C LYS A 312 -8.00 1.48 -40.52
N ASP A 313 -7.40 0.35 -40.09
CA ASP A 313 -7.75 -0.25 -38.80
C ASP A 313 -7.03 0.44 -37.67
N LYS A 314 -7.72 0.61 -36.53
CA LYS A 314 -7.10 1.00 -35.28
C LYS A 314 -6.20 -0.12 -34.73
N ASN A 315 -5.17 0.29 -33.98
CA ASN A 315 -4.38 -0.66 -33.22
C ASN A 315 -5.30 -1.43 -32.28
N LEU A 316 -4.90 -2.65 -31.95
CA LEU A 316 -5.62 -3.41 -30.93
C LEU A 316 -5.25 -2.90 -29.54
N GLU A 317 -6.17 -3.08 -28.58
CA GLU A 317 -5.93 -2.77 -27.17
C GLU A 317 -5.04 -3.81 -26.50
N GLY A 318 -4.26 -3.36 -25.51
CA GLY A 318 -3.47 -4.28 -24.71
C GLY A 318 -4.29 -5.45 -24.18
N SER A 319 -5.56 -5.20 -23.82
CA SER A 319 -6.38 -6.28 -23.30
C SER A 319 -6.71 -7.33 -24.37
N ASP A 320 -6.72 -6.94 -25.66
CA ASP A 320 -6.95 -7.94 -26.70
C ASP A 320 -5.79 -8.94 -26.76
N TYR A 321 -4.55 -8.47 -26.62
CA TYR A 321 -3.43 -9.40 -26.64
C TYR A 321 -3.26 -10.18 -25.33
N ARG A 322 -3.82 -9.72 -24.22
CA ARG A 322 -3.65 -10.45 -22.95
C ARG A 322 -4.77 -11.47 -22.70
N GLU A 323 -5.76 -11.57 -23.58
CA GLU A 323 -6.84 -12.52 -23.41
C GLU A 323 -6.31 -13.96 -23.48
N GLY A 324 -6.56 -14.74 -22.44
CA GLY A 324 -6.00 -16.08 -22.36
C GLY A 324 -4.50 -16.14 -22.14
N LEU A 325 -3.86 -15.03 -21.80
CA LEU A 325 -2.43 -15.01 -21.59
C LEU A 325 -2.07 -15.38 -20.15
N ALA A 326 -1.19 -16.36 -19.97
CA ALA A 326 -0.54 -16.56 -18.68
C ALA A 326 0.92 -16.12 -18.81
N ALA A 327 1.44 -15.47 -17.77
CA ALA A 327 2.79 -14.93 -17.89
C ALA A 327 3.36 -14.80 -16.49
N VAL A 328 4.64 -15.16 -16.35
CA VAL A 328 5.37 -14.99 -15.11
C VAL A 328 6.59 -14.15 -15.44
N LEU A 329 6.69 -13.01 -14.80
CA LEU A 329 7.80 -12.09 -14.95
C LEU A 329 8.64 -12.14 -13.67
N SER A 330 9.91 -12.46 -13.78
CA SER A 330 10.77 -12.40 -12.60
C SER A 330 11.97 -11.52 -12.90
N ILE A 331 12.17 -10.46 -12.12
CA ILE A 331 13.38 -9.66 -12.39
C ILE A 331 14.23 -9.54 -11.14
N LEU A 332 15.51 -9.36 -11.35
CA LEU A 332 16.45 -9.09 -10.26
C LEU A 332 16.89 -7.65 -10.41
N VAL A 333 16.75 -6.87 -9.36
CA VAL A 333 17.06 -5.45 -9.33
C VAL A 333 18.16 -5.17 -8.29
N PRO A 334 19.29 -4.59 -8.67
CA PRO A 334 20.37 -4.35 -7.70
C PRO A 334 19.89 -3.53 -6.54
N GLU A 335 20.51 -3.75 -5.37
CA GLU A 335 20.07 -2.99 -4.19
C GLU A 335 20.09 -1.49 -4.46
N GLU A 336 21.11 -1.00 -5.17
CA GLU A 336 21.21 0.45 -5.32
C GLU A 336 20.04 1.05 -6.09
N HIS A 337 19.26 0.24 -6.80
CA HIS A 337 18.12 0.72 -7.55
C HIS A 337 16.79 0.31 -6.98
N LEU A 338 16.78 -0.49 -5.92
CA LEU A 338 15.56 -1.19 -5.49
C LEU A 338 14.70 -0.29 -4.61
N GLN A 339 13.41 -0.20 -4.95
CA GLN A 339 12.49 0.64 -4.20
C GLN A 339 11.08 0.03 -4.31
N PHE A 340 10.50 -0.38 -3.17
CA PHE A 340 9.12 -0.88 -3.11
C PHE A 340 8.22 0.20 -2.53
N GLU A 341 6.93 0.13 -2.85
CA GLU A 341 5.93 0.93 -2.15
C GLU A 341 5.55 0.18 -0.88
N GLY A 342 5.97 0.69 0.25
CA GLY A 342 5.49 0.17 1.51
C GLY A 342 6.21 -1.08 2.00
N GLN A 343 5.97 -1.37 3.26
CA GLN A 343 6.57 -2.54 3.87
C GLN A 343 6.01 -3.84 3.29
N THR A 344 4.77 -3.85 2.80
CA THR A 344 4.22 -5.08 2.26
C THR A 344 4.70 -5.38 0.85
N LYS A 345 5.41 -4.45 0.18
CA LYS A 345 6.09 -4.71 -1.09
C LYS A 345 5.18 -5.27 -2.18
N ASP A 346 3.96 -4.75 -2.28
CA ASP A 346 3.01 -5.20 -3.22
C ASP A 346 3.24 -4.59 -4.60
N LYS A 347 4.05 -3.54 -4.65
CA LYS A 347 4.26 -2.80 -5.90
C LYS A 347 5.71 -2.34 -5.99
N LEU A 348 6.32 -2.55 -7.17
CA LEU A 348 7.66 -2.07 -7.43
C LEU A 348 7.61 -0.62 -7.91
N GLY A 349 8.40 0.24 -7.28
CA GLY A 349 8.50 1.65 -7.66
C GLY A 349 9.72 2.01 -8.52
N SER A 350 10.81 1.20 -8.46
CA SER A 350 12.08 1.44 -9.17
C SER A 350 11.84 1.91 -10.59
N PRO A 351 12.06 3.19 -10.89
CA PRO A 351 11.78 3.72 -12.24
C PRO A 351 12.52 2.99 -13.34
N LEU A 352 13.78 2.63 -13.11
CA LEU A 352 14.55 2.01 -14.17
C LEU A 352 14.01 0.62 -14.59
N ALA A 353 13.19 -0.03 -13.77
CA ALA A 353 12.72 -1.36 -14.16
C ALA A 353 11.85 -1.29 -15.40
N ARG A 354 11.16 -0.17 -15.64
CA ARG A 354 10.27 -0.10 -16.80
C ARG A 354 11.05 -0.17 -18.10
N PRO A 355 12.02 0.73 -18.38
CA PRO A 355 12.79 0.63 -19.64
C PRO A 355 13.58 -0.66 -19.74
N VAL A 356 14.06 -1.18 -18.60
CA VAL A 356 14.81 -2.44 -18.62
C VAL A 356 13.95 -3.58 -19.14
N VAL A 357 12.78 -3.78 -18.53
CA VAL A 357 11.91 -4.87 -18.97
C VAL A 357 11.38 -4.60 -20.38
N ASP A 358 10.96 -3.35 -20.64
CA ASP A 358 10.39 -3.04 -21.93
C ASP A 358 11.40 -3.31 -23.03
N GLY A 359 12.66 -2.89 -22.82
CA GLY A 359 13.67 -3.09 -23.83
C GLY A 359 13.96 -4.56 -24.09
N ILE A 360 14.14 -5.34 -23.01
CA ILE A 360 14.51 -6.74 -23.19
C ILE A 360 13.36 -7.50 -23.85
N VAL A 361 12.14 -7.28 -23.38
CA VAL A 361 11.01 -8.07 -23.88
C VAL A 361 10.71 -7.66 -25.32
N ALA A 362 10.71 -6.36 -25.59
CA ALA A 362 10.37 -5.92 -26.94
C ALA A 362 11.37 -6.48 -27.94
N ASP A 363 12.66 -6.39 -27.60
CA ASP A 363 13.70 -6.96 -28.45
C ASP A 363 13.47 -8.45 -28.70
N LYS A 364 13.31 -9.23 -27.65
CA LYS A 364 13.22 -10.68 -27.82
C LYS A 364 11.92 -11.09 -28.55
N LEU A 365 10.79 -10.47 -28.18
CA LEU A 365 9.50 -10.82 -28.77
C LEU A 365 9.45 -10.40 -30.23
N THR A 366 10.03 -9.24 -30.57
CA THR A 366 10.08 -8.86 -31.98
C THR A 366 10.78 -9.94 -32.80
N PHE A 367 11.93 -10.41 -32.31
CA PHE A 367 12.64 -11.41 -33.07
C PHE A 367 11.87 -12.72 -33.08
N PHE A 368 11.27 -13.08 -31.96
CA PHE A 368 10.50 -14.33 -31.91
C PHE A 368 9.36 -14.34 -32.95
N LEU A 369 8.60 -13.25 -33.06
CA LEU A 369 7.49 -13.25 -34.00
C LEU A 369 7.97 -13.38 -35.43
N MET A 370 9.06 -12.67 -35.79
CA MET A 370 9.61 -12.79 -37.15
C MET A 370 10.05 -14.22 -37.44
N GLU A 371 10.59 -14.91 -36.46
CA GLU A 371 11.09 -16.27 -36.70
C GLU A 371 10.02 -17.36 -36.56
N ASN A 372 8.82 -17.00 -36.11
CA ASN A 372 7.73 -17.95 -35.86
C ASN A 372 6.45 -17.35 -36.45
N GLY A 373 6.47 -17.16 -37.77
CA GLY A 373 5.45 -16.35 -38.41
C GLY A 373 4.06 -16.97 -38.35
N GLU A 374 3.97 -18.29 -38.48
CA GLU A 374 2.65 -18.88 -38.47
C GLU A 374 2.01 -18.73 -37.09
N LEU A 375 2.79 -18.97 -36.04
CA LEU A 375 2.30 -18.76 -34.68
C LEU A 375 1.97 -17.29 -34.43
N ALA A 376 2.83 -16.38 -34.88
CA ALA A 376 2.55 -14.95 -34.70
C ALA A 376 1.23 -14.57 -35.35
N SER A 377 0.99 -14.99 -36.60
CA SER A 377 -0.24 -14.59 -37.28
CA SER A 377 -0.24 -14.61 -37.29
C SER A 377 -1.46 -15.22 -36.60
N ASN A 378 -1.33 -16.45 -36.12
CA ASN A 378 -2.44 -17.01 -35.34
C ASN A 378 -2.72 -16.19 -34.07
N LEU A 379 -1.67 -15.69 -33.41
CA LEU A 379 -1.91 -14.93 -32.20
C LEU A 379 -2.58 -13.59 -32.54
N ILE A 380 -2.19 -13.00 -33.68
CA ILE A 380 -2.84 -11.74 -34.07
C ILE A 380 -4.29 -11.99 -34.40
N ARG A 381 -4.59 -13.06 -35.15
CA ARG A 381 -6.00 -13.36 -35.46
C ARG A 381 -6.81 -13.60 -34.19
N LYS A 382 -6.24 -14.28 -33.20
CA LYS A 382 -6.89 -14.43 -31.90
C LYS A 382 -7.20 -13.07 -31.26
N ALA A 383 -6.24 -12.13 -31.27
CA ALA A 383 -6.49 -10.82 -30.66
C ALA A 383 -7.52 -10.01 -31.47
N ILE A 384 -7.52 -10.16 -32.78
CA ILE A 384 -8.55 -9.52 -33.61
C ILE A 384 -9.94 -10.06 -33.25
N LYS A 385 -10.07 -11.38 -33.06
CA LYS A 385 -11.35 -11.91 -32.61
C LYS A 385 -11.73 -11.36 -31.24
N ALA A 386 -10.74 -11.21 -30.34
CA ALA A 386 -11.03 -10.58 -29.05
C ALA A 386 -11.49 -9.13 -29.23
N ARG A 387 -10.84 -8.38 -30.11
CA ARG A 387 -11.34 -7.06 -30.45
C ARG A 387 -12.80 -7.11 -30.92
N ASP A 388 -13.10 -8.03 -31.86
CA ASP A 388 -14.45 -8.13 -32.39
C ASP A 388 -15.45 -8.42 -31.27
N ALA A 389 -15.09 -9.32 -30.36
CA ALA A 389 -16.01 -9.65 -29.26
C ALA A 389 -16.22 -8.43 -28.35
N ARG A 390 -15.16 -7.68 -28.10
CA ARG A 390 -15.26 -6.50 -27.24
C ARG A 390 -16.10 -5.42 -27.91
N GLU A 391 -15.90 -5.23 -29.21
CA GLU A 391 -16.71 -4.27 -29.96
C GLU A 391 -18.17 -4.73 -30.06
N ALA A 392 -18.39 -6.01 -30.24
CA ALA A 392 -19.77 -6.51 -30.24
C ALA A 392 -20.46 -6.24 -28.91
N ALA A 393 -19.76 -6.50 -27.78
CA ALA A 393 -20.34 -6.23 -26.47
C ALA A 393 -20.66 -4.75 -26.28
N ARG A 394 -19.74 -3.88 -26.69
CA ARG A 394 -19.96 -2.44 -26.55
C ARG A 394 -21.16 -1.99 -27.38
N LYS A 395 -21.26 -2.47 -28.62
CA LYS A 395 -22.39 -2.13 -29.46
C LYS A 395 -23.69 -2.51 -28.78
N ALA A 396 -23.78 -3.76 -28.31
CA ALA A 396 -25.03 -4.26 -27.73
C ALA A 396 -25.39 -3.50 -26.46
N ARG A 397 -24.35 -3.14 -25.69
CA ARG A 397 -24.56 -2.37 -24.46
C ARG A 397 -25.17 -1.02 -24.79
N ASP A 398 -24.60 -0.36 -25.80
CA ASP A 398 -25.07 0.98 -26.15
C ASP A 398 -26.45 0.91 -26.77
N GLU A 399 -26.71 -0.11 -27.60
CA GLU A 399 -28.04 -0.25 -28.18
C GLU A 399 -29.10 -0.56 -27.13
N SER A 400 -28.73 -1.26 -26.05
CA SER A 400 -29.67 -1.54 -24.97
C SER A 400 -30.04 -0.27 -24.21
N ARG A 401 -29.10 0.65 -24.04
CA ARG A 401 -29.37 1.89 -23.33
C ARG A 401 -30.25 2.91 -24.09
N GLU B 6 36.97 -6.31 4.29
CA GLU B 6 35.83 -5.98 3.45
C GLU B 6 34.62 -6.89 3.74
N ILE B 7 33.43 -6.31 3.66
CA ILE B 7 32.18 -7.05 3.84
C ILE B 7 31.76 -7.60 2.49
N ASN B 8 31.57 -8.92 2.43
CA ASN B 8 31.10 -9.59 1.22
C ASN B 8 30.43 -10.88 1.66
N ILE B 9 29.96 -11.66 0.68
CA ILE B 9 29.08 -12.77 1.03
C ILE B 9 29.86 -13.85 1.75
N ASN B 10 31.19 -13.83 1.63
CA ASN B 10 32.05 -14.75 2.34
C ASN B 10 32.58 -14.17 3.66
N ASN B 11 32.22 -12.92 4.00
CA ASN B 11 32.57 -12.33 5.27
C ASN B 11 31.29 -11.70 5.85
N TYR B 12 30.39 -12.55 6.33
CA TYR B 12 29.07 -12.12 6.79
C TYR B 12 29.05 -12.25 8.31
N ASN B 13 29.54 -11.23 9.01
CA ASN B 13 29.69 -11.29 10.47
C ASN B 13 29.09 -10.02 11.06
N ASP B 14 29.47 -9.69 12.30
CA ASP B 14 28.70 -8.70 13.06
C ASP B 14 28.77 -7.30 12.44
N ASP B 15 29.85 -6.97 11.77
CA ASP B 15 29.93 -5.68 11.11
C ASP B 15 29.18 -5.66 9.80
N ALA B 16 28.65 -6.78 9.32
CA ALA B 16 27.79 -6.72 8.13
C ALA B 16 26.38 -6.21 8.43
N ILE B 17 26.00 -6.05 9.69
CA ILE B 17 24.67 -5.56 10.07
C ILE B 17 24.81 -4.09 10.44
N GLN B 18 24.04 -3.22 9.78
CA GLN B 18 24.11 -1.77 10.03
C GLN B 18 22.77 -1.27 10.59
N VAL B 19 22.83 -0.33 11.53
CA VAL B 19 21.64 0.26 12.14
C VAL B 19 21.48 1.67 11.58
N LEU B 20 20.37 1.94 10.91
CA LEU B 20 20.13 3.29 10.36
C LEU B 20 19.44 4.13 11.42
N GLU B 21 20.06 5.24 11.78
CA GLU B 21 19.45 6.14 12.75
C GLU B 21 18.21 6.78 12.13
N GLY B 22 17.36 7.31 13.01
CA GLY B 22 16.00 7.68 12.64
C GLY B 22 15.79 8.22 11.23
N LEU B 23 16.16 9.48 11.01
CA LEU B 23 15.79 10.08 9.74
C LEU B 23 16.60 9.47 8.59
N ASP B 24 17.78 8.93 8.87
CA ASP B 24 18.56 8.32 7.79
C ASP B 24 17.82 7.14 7.17
N ALA B 25 17.03 6.43 7.95
CA ALA B 25 16.29 5.31 7.39
C ALA B 25 15.27 5.81 6.38
N VAL B 26 14.65 6.94 6.67
CA VAL B 26 13.71 7.51 5.74
C VAL B 26 14.38 7.92 4.42
N ARG B 27 15.54 8.53 4.52
CA ARG B 27 16.26 8.94 3.32
C ARG B 27 16.74 7.73 2.52
N LYS B 28 17.11 6.65 3.23
CA LYS B 28 17.58 5.43 2.55
C LYS B 28 16.42 4.65 1.91
N ARG B 29 15.28 4.58 2.57
CA ARG B 29 14.12 3.81 2.09
C ARG B 29 12.87 4.67 2.07
N PRO B 30 12.86 5.73 1.26
CA PRO B 30 11.67 6.60 1.23
C PRO B 30 10.43 5.86 0.81
N GLY B 31 10.57 4.79 0.00
CA GLY B 31 9.38 4.10 -0.47
C GLY B 31 8.58 3.48 0.66
N MET B 32 9.24 3.17 1.76
CA MET B 32 8.53 2.59 2.88
C MET B 32 7.61 3.62 3.51
N TYR B 33 7.99 4.89 3.44
CA TYR B 33 7.31 5.98 4.15
C TYR B 33 6.38 6.79 3.27
N ILE B 34 6.72 7.08 2.01
CA ILE B 34 5.90 7.96 1.21
C ILE B 34 5.46 7.31 -0.09
N GLY B 35 5.81 6.04 -0.29
CA GLY B 35 5.33 5.27 -1.45
C GLY B 35 6.26 5.33 -2.66
N SER B 36 6.78 6.51 -2.99
CA SER B 36 7.53 6.68 -4.23
C SER B 36 8.26 8.02 -4.17
N THR B 37 9.19 8.22 -5.09
CA THR B 37 10.01 9.43 -5.10
C THR B 37 9.81 10.21 -6.40
N ASP B 38 8.67 10.01 -7.05
CA ASP B 38 8.22 10.76 -8.22
C ASP B 38 7.33 11.90 -7.77
N GLY B 39 6.53 12.46 -8.69
CA GLY B 39 5.65 13.56 -8.34
C GLY B 39 4.63 13.22 -7.26
N ALA B 40 4.11 11.99 -7.28
CA ALA B 40 3.19 11.55 -6.22
C ALA B 40 3.87 11.56 -4.85
N GLY B 41 5.12 11.11 -4.75
CA GLY B 41 5.79 11.16 -3.46
C GLY B 41 6.14 12.58 -3.03
N LEU B 42 6.55 13.42 -3.98
CA LEU B 42 6.79 14.84 -3.70
C LEU B 42 5.58 15.48 -3.06
N HIS B 43 4.39 15.27 -3.64
CA HIS B 43 3.21 15.92 -3.08
C HIS B 43 2.72 15.29 -1.81
N HIS B 44 3.11 14.05 -1.57
CA HIS B 44 2.84 13.43 -0.28
C HIS B 44 3.38 14.24 0.90
N LEU B 45 4.55 14.85 0.71
CA LEU B 45 5.11 15.70 1.75
C LEU B 45 4.15 16.85 2.04
N VAL B 46 3.53 17.39 1.00
CA VAL B 46 2.57 18.45 1.24
C VAL B 46 1.42 17.91 2.06
N TRP B 47 0.91 16.73 1.70
CA TRP B 47 -0.25 16.22 2.44
C TRP B 47 0.08 15.97 3.92
N GLU B 48 1.30 15.54 4.25
CA GLU B 48 1.61 15.30 5.69
C GLU B 48 1.48 16.61 6.48
N ILE B 49 1.95 17.73 5.90
CA ILE B 49 1.95 18.99 6.65
C ILE B 49 0.53 19.56 6.71
N VAL B 50 -0.18 19.50 5.58
CA VAL B 50 -1.56 19.96 5.57
C VAL B 50 -2.43 19.10 6.51
N ASP B 51 -2.25 17.76 6.49
CA ASP B 51 -3.04 16.89 7.37
C ASP B 51 -2.85 17.27 8.83
N ASN B 52 -1.62 17.67 9.22
CA ASN B 52 -1.43 18.07 10.63
C ASN B 52 -2.21 19.36 10.94
N ALA B 53 -2.31 20.26 9.97
CA ALA B 53 -3.09 21.48 10.17
C ALA B 53 -4.59 21.14 10.23
N VAL B 54 -5.04 20.21 9.39
CA VAL B 54 -6.43 19.77 9.41
C VAL B 54 -6.76 19.13 10.76
N ASP B 55 -5.84 18.33 11.31
CA ASP B 55 -6.13 17.69 12.59
C ASP B 55 -6.35 18.72 13.70
N GLU B 56 -5.60 19.82 13.70
CA GLU B 56 -5.91 20.90 14.64
C GLU B 56 -7.35 21.38 14.44
N ALA B 57 -7.73 21.64 13.19
CA ALA B 57 -9.08 22.14 12.91
C ALA B 57 -10.14 21.10 13.32
N LEU B 58 -9.85 19.81 13.12
CA LEU B 58 -10.80 18.76 13.52
C LEU B 58 -11.01 18.77 15.02
N SER B 59 -9.99 19.12 15.80
CA SER B 59 -10.15 19.21 17.24
C SER B 59 -10.74 20.55 17.68
N GLY B 60 -11.04 21.46 16.75
CA GLY B 60 -11.69 22.71 17.10
C GLY B 60 -10.81 23.98 16.99
N PHE B 61 -9.62 23.88 16.41
CA PHE B 61 -8.63 24.96 16.55
C PHE B 61 -8.18 25.47 15.17
N GLY B 62 -8.54 26.71 14.85
CA GLY B 62 -8.08 27.27 13.58
C GLY B 62 -9.16 27.25 12.52
N ASP B 63 -9.37 28.39 11.83
CA ASP B 63 -10.40 28.42 10.80
C ASP B 63 -9.83 28.74 9.42
N ARG B 64 -8.51 28.72 9.26
CA ARG B 64 -7.93 29.01 7.96
C ARG B 64 -6.63 28.22 7.82
N ILE B 65 -6.44 27.57 6.68
CA ILE B 65 -5.20 26.87 6.40
C ILE B 65 -4.70 27.35 5.04
N ASP B 66 -3.55 28.01 5.02
CA ASP B 66 -3.04 28.67 3.83
C ASP B 66 -1.77 27.98 3.37
N VAL B 67 -1.75 27.53 2.12
CA VAL B 67 -0.57 26.93 1.50
C VAL B 67 0.02 27.94 0.52
N THR B 68 1.33 28.13 0.54
CA THR B 68 2.01 29.03 -0.40
C THR B 68 3.11 28.26 -1.09
N ILE B 69 3.14 28.32 -2.41
CA ILE B 69 4.28 27.82 -3.15
C ILE B 69 5.20 29.02 -3.31
N ASN B 70 6.38 28.95 -2.71
CA ASN B 70 7.23 30.14 -2.75
C ASN B 70 8.00 30.22 -4.06
N LYS B 71 8.53 31.41 -4.34
CA LYS B 71 9.16 31.64 -5.63
C LYS B 71 10.40 30.77 -5.80
N ASP B 72 11.11 30.45 -4.72
CA ASP B 72 12.25 29.54 -4.81
C ASP B 72 11.83 28.07 -4.94
N GLY B 73 10.54 27.76 -4.96
CA GLY B 73 10.12 26.38 -5.10
C GLY B 73 9.89 25.65 -3.78
N SER B 74 10.22 26.27 -2.64
CA SER B 74 9.82 25.69 -1.34
C SER B 74 8.31 25.88 -1.15
N LEU B 75 7.78 25.25 -0.11
CA LEU B 75 6.34 25.30 0.11
C LEU B 75 6.07 25.58 1.58
N THR B 76 5.09 26.46 1.87
CA THR B 76 4.73 26.84 3.23
C THR B 76 3.30 26.42 3.53
N VAL B 77 3.05 25.93 4.75
CA VAL B 77 1.68 25.66 5.22
C VAL B 77 1.55 26.42 6.53
N GLN B 78 0.58 27.36 6.61
CA GLN B 78 0.35 28.13 7.82
C GLN B 78 -1.04 27.80 8.36
N ASP B 79 -1.13 27.46 9.64
CA ASP B 79 -2.43 27.28 10.28
C ASP B 79 -2.54 28.20 11.48
N HIS B 80 -3.76 28.31 12.00
CA HIS B 80 -4.02 29.12 13.17
C HIS B 80 -4.54 28.23 14.31
N GLY B 81 -4.06 27.00 14.34
CA GLY B 81 -4.37 26.09 15.43
C GLY B 81 -3.63 26.44 16.69
N ARG B 82 -3.46 25.45 17.61
CA ARG B 82 -2.91 25.80 18.90
C ARG B 82 -1.41 26.07 18.87
N GLY B 83 -0.73 25.76 17.77
CA GLY B 83 0.71 25.76 17.76
C GLY B 83 1.24 24.48 18.39
N MET B 84 2.46 24.13 18.00
CA MET B 84 3.15 23.01 18.64
C MET B 84 3.56 23.46 20.04
N PRO B 85 3.68 22.52 21.00
CA PRO B 85 4.20 22.89 22.32
C PRO B 85 5.61 23.49 22.19
N THR B 86 5.86 24.54 22.98
CA THR B 86 7.05 25.35 22.74
C THR B 86 8.07 25.13 23.85
N GLY B 87 7.91 24.10 24.67
CA GLY B 87 8.77 23.88 25.79
C GLY B 87 9.80 22.79 25.52
N MET B 88 10.42 22.36 26.60
CA MET B 88 11.40 21.29 26.59
C MET B 88 10.67 19.97 26.76
N HIS B 89 11.04 19.00 25.94
CA HIS B 89 10.41 17.69 26.01
C HIS B 89 11.12 16.81 27.03
N ALA B 90 10.41 15.77 27.50
CA ALA B 90 11.04 14.83 28.43
C ALA B 90 12.34 14.27 27.90
N MET B 91 12.54 14.19 26.58
CA MET B 91 13.82 13.58 26.19
C MET B 91 14.97 14.58 26.10
N GLY B 92 14.78 15.84 26.52
CA GLY B 92 15.89 16.75 26.72
C GLY B 92 16.20 17.64 25.55
N ILE B 93 15.32 17.68 24.56
CA ILE B 93 15.35 18.63 23.46
C ILE B 93 13.97 19.25 23.36
N PRO B 94 13.84 20.41 22.68
CA PRO B 94 12.53 21.03 22.50
C PRO B 94 11.52 20.06 21.90
N THR B 95 10.28 20.15 22.38
CA THR B 95 9.23 19.32 21.79
C THR B 95 9.13 19.50 20.28
N VAL B 96 9.31 20.75 19.79
CA VAL B 96 9.28 20.97 18.34
C VAL B 96 10.33 20.12 17.64
N GLU B 97 11.51 20.05 18.22
CA GLU B 97 12.58 19.25 17.61
C GLU B 97 12.26 17.75 17.70
N VAL B 98 11.62 17.32 18.79
CA VAL B 98 11.15 15.92 18.83
C VAL B 98 10.21 15.64 17.67
N ILE B 99 9.22 16.51 17.49
CA ILE B 99 8.22 16.29 16.43
C ILE B 99 8.90 16.14 15.09
N PHE B 100 9.90 16.99 14.79
CA PHE B 100 10.47 16.96 13.45
C PHE B 100 11.64 15.99 13.27
N THR B 101 12.23 15.47 14.35
CA THR B 101 13.39 14.61 14.19
C THR B 101 13.23 13.18 14.68
N ILE B 102 12.12 12.81 15.33
CA ILE B 102 12.00 11.48 15.97
C ILE B 102 10.80 10.79 15.33
N LEU B 103 11.02 9.62 14.74
CA LEU B 103 9.92 8.82 14.20
C LEU B 103 9.12 8.19 15.33
N HIS B 104 7.82 8.04 15.11
CA HIS B 104 6.90 7.50 16.11
C HIS B 104 6.90 8.35 17.38
N ALA B 105 6.84 9.66 17.20
CA ALA B 105 6.73 10.60 18.30
C ALA B 105 5.60 11.54 17.95
N GLY B 106 4.55 11.57 18.75
CA GLY B 106 3.47 12.50 18.43
C GLY B 106 2.43 12.55 19.52
N GLY B 107 1.34 13.27 19.20
CA GLY B 107 0.27 13.53 20.14
C GLY B 107 -1.02 12.81 19.80
N LYS B 108 -0.96 11.82 18.92
CA LYS B 108 -2.17 11.13 18.45
C LYS B 108 -2.09 9.63 18.70
N PHE B 109 -1.53 9.25 19.85
CA PHE B 109 -1.54 7.89 20.33
C PHE B 109 -2.59 7.63 21.42
N GLY B 110 -3.66 8.44 21.48
CA GLY B 110 -4.66 8.27 22.51
C GLY B 110 -4.46 9.06 23.80
N GLN B 111 -3.41 9.88 23.89
CA GLN B 111 -3.17 10.60 25.16
C GLN B 111 -4.24 11.64 25.46
N GLY B 112 -4.80 12.32 24.45
CA GLY B 112 -5.86 13.29 24.71
C GLY B 112 -5.67 14.70 24.13
N GLY B 113 -4.49 15.02 23.62
CA GLY B 113 -4.30 16.30 22.97
C GLY B 113 -5.12 16.49 21.71
N TYR B 114 -5.57 15.39 21.07
CA TYR B 114 -6.43 15.51 19.88
C TYR B 114 -7.68 14.70 20.06
N LYS B 115 -8.78 15.17 19.44
CA LYS B 115 -9.95 14.34 19.22
C LYS B 115 -9.61 13.40 18.08
N THR B 116 -10.59 12.93 17.30
CA THR B 116 -10.26 12.09 16.15
C THR B 116 -9.41 12.87 15.15
N SER B 117 -8.37 12.22 14.64
CA SER B 117 -7.42 12.89 13.76
C SER B 117 -7.02 11.93 12.67
N GLY B 118 -6.62 12.49 11.52
CA GLY B 118 -6.07 11.65 10.47
C GLY B 118 -4.68 11.15 10.85
N GLY B 119 -3.91 11.96 11.56
CA GLY B 119 -2.60 11.52 12.03
C GLY B 119 -2.75 10.42 13.08
N LEU B 120 -1.82 9.45 13.04
CA LEU B 120 -1.78 8.42 14.06
C LEU B 120 -0.41 7.72 14.18
N HIS B 121 0.48 7.84 13.17
CA HIS B 121 1.75 7.07 13.26
C HIS B 121 2.86 7.82 13.98
N GLY B 122 2.78 9.14 14.12
CA GLY B 122 3.88 9.87 14.73
C GLY B 122 5.08 10.03 13.80
N VAL B 123 4.88 9.93 12.48
CA VAL B 123 6.04 10.03 11.58
C VAL B 123 5.94 11.15 10.53
N GLY B 124 4.75 11.67 10.17
CA GLY B 124 4.65 12.54 8.99
C GLY B 124 5.57 13.77 8.94
N SER B 125 5.55 14.62 9.98
CA SER B 125 6.44 15.79 10.02
C SER B 125 7.89 15.40 9.95
N SER B 126 8.29 14.37 10.70
CA SER B 126 9.69 13.95 10.66
C SER B 126 10.09 13.40 9.30
N VAL B 127 9.15 12.75 8.58
CA VAL B 127 9.42 12.28 7.23
C VAL B 127 9.64 13.46 6.29
N VAL B 128 8.81 14.49 6.41
CA VAL B 128 9.01 15.68 5.59
C VAL B 128 10.38 16.27 5.85
N ASN B 129 10.73 16.42 7.13
CA ASN B 129 12.06 16.97 7.46
C ASN B 129 13.19 16.11 6.88
N ALA B 130 13.04 14.77 6.99
CA ALA B 130 14.09 13.85 6.51
C ALA B 130 14.33 14.00 5.03
N LEU B 131 13.26 14.24 4.28
CA LEU B 131 13.32 14.29 2.82
C LEU B 131 13.40 15.73 2.31
N SER B 132 13.82 16.68 3.15
CA SER B 132 13.95 18.08 2.72
C SER B 132 15.39 18.55 2.87
N SER B 133 15.87 19.37 1.91
CA SER B 133 17.20 19.92 2.07
C SER B 133 17.19 21.02 3.14
N TRP B 134 16.03 21.65 3.41
CA TRP B 134 15.90 22.44 4.62
C TRP B 134 14.44 22.55 4.99
N LEU B 135 14.19 22.85 6.27
CA LEU B 135 12.84 23.00 6.81
C LEU B 135 12.88 24.05 7.92
N GLU B 136 11.89 24.94 7.94
CA GLU B 136 11.78 25.90 9.04
C GLU B 136 10.38 25.82 9.62
N VAL B 137 10.25 25.95 10.92
CA VAL B 137 8.96 26.02 11.56
C VAL B 137 8.85 27.22 12.49
N GLU B 138 7.74 27.94 12.41
CA GLU B 138 7.51 29.06 13.32
C GLU B 138 6.25 28.76 14.11
N ILE B 139 6.35 28.80 15.43
CA ILE B 139 5.22 28.58 16.33
C ILE B 139 4.84 29.91 16.97
N THR B 140 3.56 30.25 16.95
CA THR B 140 3.06 31.40 17.68
C THR B 140 2.23 30.93 18.86
N ARG B 141 2.59 31.38 20.06
CA ARG B 141 1.88 31.03 21.29
C ARG B 141 2.14 32.08 22.36
N ASP B 142 1.06 32.55 22.98
CA ASP B 142 1.13 33.34 24.22
C ASP B 142 2.00 34.60 24.08
N GLY B 143 1.82 35.29 22.95
CA GLY B 143 2.50 36.55 22.72
C GLY B 143 3.90 36.44 22.16
N ALA B 144 4.40 35.21 21.88
CA ALA B 144 5.74 35.05 21.33
C ALA B 144 5.70 34.22 20.06
N VAL B 145 6.68 34.46 19.19
CA VAL B 145 6.88 33.63 18.00
C VAL B 145 8.22 32.94 18.17
N TYR B 146 8.26 31.63 17.93
CA TYR B 146 9.47 30.82 18.09
C TYR B 146 9.81 30.22 16.74
N LYS B 147 11.10 30.01 16.49
CA LYS B 147 11.47 29.38 15.23
C LYS B 147 12.56 28.34 15.41
N GLN B 148 12.49 27.28 14.60
CA GLN B 148 13.62 26.35 14.51
C GLN B 148 13.87 25.99 13.06
N ARG B 149 15.14 25.88 12.67
CA ARG B 149 15.50 25.49 11.31
C ARG B 149 16.30 24.17 11.33
N PHE B 150 16.08 23.35 10.34
CA PHE B 150 16.80 22.11 10.06
C PHE B 150 17.34 22.17 8.62
N GLU B 151 18.45 21.49 8.34
CA GLU B 151 18.98 21.38 6.98
C GLU B 151 19.51 19.97 6.70
N ASN B 152 19.69 19.67 5.41
CA ASN B 152 20.36 18.44 4.96
C ASN B 152 19.71 17.20 5.56
N GLY B 153 18.40 17.07 5.33
CA GLY B 153 17.69 15.89 5.76
C GLY B 153 17.40 15.85 7.25
N GLY B 154 17.15 17.01 7.89
CA GLY B 154 16.55 17.00 9.21
C GLY B 154 17.50 17.31 10.35
N LYS B 155 18.72 17.72 10.06
CA LYS B 155 19.67 18.07 11.13
C LYS B 155 19.36 19.47 11.65
N PRO B 156 19.14 19.65 12.95
CA PRO B 156 18.87 20.99 13.47
C PRO B 156 20.10 21.86 13.29
N VAL B 157 19.89 23.07 12.79
CA VAL B 157 20.97 24.05 12.71
C VAL B 157 20.75 25.21 13.65
N THR B 158 19.59 25.29 14.30
CA THR B 158 19.38 26.22 15.41
C THR B 158 18.62 25.43 16.44
N THR B 159 18.60 25.94 17.68
CA THR B 159 17.59 25.38 18.57
C THR B 159 16.25 26.10 18.34
N LEU B 160 15.24 25.83 19.17
CA LEU B 160 13.97 26.54 19.05
C LEU B 160 14.17 27.88 19.77
N LYS B 161 14.15 29.00 19.03
CA LYS B 161 14.52 30.32 19.56
C LYS B 161 13.33 31.27 19.48
N LYS B 162 13.15 32.11 20.50
CA LYS B 162 12.14 33.15 20.39
C LYS B 162 12.63 34.21 19.41
N ILE B 163 11.84 34.53 18.38
CA ILE B 163 12.29 35.49 17.37
C ILE B 163 11.45 36.75 17.30
N GLY B 164 10.30 36.83 17.97
CA GLY B 164 9.46 38.00 17.87
C GLY B 164 8.27 37.86 18.79
N THR B 165 7.39 38.86 18.73
CA THR B 165 6.17 38.84 19.52
C THR B 165 4.96 38.84 18.60
N ALA B 166 3.80 38.62 19.20
CA ALA B 166 2.53 38.66 18.50
C ALA B 166 1.45 39.00 19.51
N PRO B 167 0.26 39.39 19.05
CA PRO B 167 -0.87 39.60 19.98
C PRO B 167 -1.02 38.39 20.89
N LYS B 168 -1.31 38.66 22.17
CA LYS B 168 -1.26 37.62 23.22
C LYS B 168 -2.14 36.40 22.90
N SER B 169 -3.26 36.60 22.21
CA SER B 169 -4.17 35.47 21.98
C SER B 169 -3.90 34.72 20.68
N LYS B 170 -2.97 35.18 19.87
CA LYS B 170 -2.76 34.54 18.60
C LYS B 170 -2.03 33.19 18.78
N THR B 171 -2.38 32.21 17.95
CA THR B 171 -1.67 30.94 17.99
C THR B 171 -1.58 30.38 16.58
N GLY B 172 -0.59 29.52 16.37
CA GLY B 172 -0.56 28.79 15.12
C GLY B 172 0.82 28.26 14.83
N THR B 173 0.90 27.54 13.70
CA THR B 173 2.10 26.86 13.24
C THR B 173 2.33 27.17 11.76
N LYS B 174 3.57 27.55 11.42
CA LYS B 174 3.93 27.82 10.03
C LYS B 174 5.12 26.95 9.70
N VAL B 175 4.97 26.06 8.72
CA VAL B 175 6.01 25.11 8.34
C VAL B 175 6.39 25.44 6.89
N THR B 176 7.69 25.63 6.62
CA THR B 176 8.19 25.83 5.25
C THR B 176 9.25 24.78 4.95
N PHE B 177 9.18 24.11 3.80
CA PHE B 177 10.26 23.17 3.50
C PHE B 177 10.62 23.17 2.03
N MET B 178 11.87 22.76 1.78
CA MET B 178 12.42 22.61 0.44
C MET B 178 12.69 21.12 0.23
N PRO B 179 11.89 20.44 -0.58
CA PRO B 179 12.11 19.02 -0.81
C PRO B 179 13.50 18.75 -1.39
N ASP B 180 14.08 17.59 -1.02
CA ASP B 180 15.48 17.33 -1.36
C ASP B 180 15.60 16.89 -2.82
N ALA B 181 16.23 17.72 -3.67
CA ALA B 181 16.34 17.39 -5.09
C ALA B 181 17.24 16.19 -5.36
N THR B 182 17.96 15.69 -4.37
CA THR B 182 18.73 14.47 -4.63
C THR B 182 17.90 13.21 -4.33
N ILE B 183 16.72 13.37 -3.73
CA ILE B 183 15.82 12.26 -3.42
C ILE B 183 14.73 12.10 -4.50
N PHE B 184 14.13 13.22 -4.92
CA PHE B 184 12.95 13.18 -5.79
C PHE B 184 13.33 13.35 -7.22
N SER B 185 12.63 12.66 -8.12
CA SER B 185 12.87 12.85 -9.55
C SER B 185 12.30 14.15 -10.08
N THR B 186 11.40 14.78 -9.34
CA THR B 186 10.93 16.14 -9.62
C THR B 186 10.72 16.85 -8.28
N THR B 187 11.05 18.12 -8.22
CA THR B 187 10.70 18.92 -7.05
C THR B 187 9.79 20.11 -7.44
N ASP B 188 9.15 20.01 -8.60
CA ASP B 188 8.24 21.03 -9.09
C ASP B 188 6.85 20.80 -8.50
N PHE B 189 6.50 21.54 -7.44
CA PHE B 189 5.12 21.44 -6.93
C PHE B 189 4.13 21.89 -8.00
N LYS B 190 3.00 21.17 -8.10
CA LYS B 190 2.04 21.44 -9.16
C LYS B 190 0.81 22.10 -8.57
N TYR B 191 0.51 23.28 -9.08
CA TYR B 191 -0.62 24.06 -8.61
C TYR B 191 -1.92 23.25 -8.61
N ASN B 192 -2.27 22.62 -9.75
CA ASN B 192 -3.55 21.92 -9.83
C ASN B 192 -3.59 20.74 -8.85
N THR B 193 -2.46 20.06 -8.65
CA THR B 193 -2.48 18.87 -7.77
C THR B 193 -2.81 19.30 -6.35
N ILE B 194 -2.18 20.39 -5.92
CA ILE B 194 -2.41 20.92 -4.57
C ILE B 194 -3.78 21.54 -4.47
N SER B 195 -4.20 22.30 -5.48
CA SER B 195 -5.53 22.89 -5.57
C SER B 195 -6.66 21.85 -5.42
N GLU B 196 -6.62 20.76 -6.20
CA GLU B 196 -7.62 19.70 -6.10
C GLU B 196 -7.71 19.11 -4.69
N ARG B 197 -6.55 18.93 -4.05
CA ARG B 197 -6.51 18.29 -2.73
C ARG B 197 -7.08 19.24 -1.67
N LEU B 198 -6.74 20.52 -1.76
CA LEU B 198 -7.28 21.49 -0.81
C LEU B 198 -8.78 21.67 -0.99
N ASN B 199 -9.26 21.64 -2.24
CA ASN B 199 -10.68 21.68 -2.50
C ASN B 199 -11.40 20.53 -1.79
N GLU B 200 -10.90 19.29 -1.97
CA GLU B 200 -11.48 18.13 -1.30
C GLU B 200 -11.46 18.29 0.21
N SER B 201 -10.33 18.73 0.78
CA SER B 201 -10.24 18.92 2.23
C SER B 201 -11.25 19.96 2.72
N ALA B 202 -11.51 20.99 1.91
CA ALA B 202 -12.43 22.04 2.35
C ALA B 202 -13.86 21.54 2.47
N PHE B 203 -14.29 20.63 1.59
CA PHE B 203 -15.63 20.07 1.76
C PHE B 203 -15.78 19.42 3.14
N LEU B 204 -14.73 18.83 3.66
CA LEU B 204 -14.84 18.04 4.88
C LEU B 204 -14.66 18.85 6.16
N LEU B 205 -14.33 20.14 6.06
CA LEU B 205 -14.14 21.02 7.22
C LEU B 205 -15.08 22.20 7.09
N LYS B 206 -16.21 22.09 7.74
CA LYS B 206 -17.24 23.12 7.71
C LYS B 206 -16.69 24.46 8.20
N ASN B 207 -16.85 25.47 7.37
CA ASN B 207 -16.41 26.82 7.74
C ASN B 207 -14.94 26.86 8.18
N VAL B 208 -14.09 26.09 7.53
CA VAL B 208 -12.67 26.39 7.51
C VAL B 208 -12.33 26.78 6.07
N THR B 209 -11.58 27.88 5.90
CA THR B 209 -11.12 28.27 4.56
C THR B 209 -9.74 27.71 4.31
N LEU B 210 -9.56 27.03 3.17
CA LEU B 210 -8.23 26.61 2.75
C LEU B 210 -7.84 27.38 1.50
N SER B 211 -6.57 27.76 1.39
CA SER B 211 -6.19 28.55 0.23
C SER B 211 -4.85 28.12 -0.29
N LEU B 212 -4.64 28.39 -1.58
CA LEU B 212 -3.36 28.16 -2.23
C LEU B 212 -2.93 29.45 -2.91
N THR B 213 -1.69 29.90 -2.67
CA THR B 213 -1.10 31.05 -3.36
C THR B 213 0.20 30.57 -3.99
N ASP B 214 0.37 30.84 -5.28
CA ASP B 214 1.59 30.44 -5.98
C ASP B 214 2.38 31.72 -6.30
N LYS B 215 3.48 31.98 -5.58
CA LYS B 215 4.30 33.16 -5.84
C LYS B 215 5.14 33.01 -7.10
N ARG B 216 5.18 31.82 -7.69
CA ARG B 216 5.95 31.71 -8.94
C ARG B 216 5.25 32.44 -10.05
N THR B 217 3.92 32.46 -10.04
CA THR B 217 3.15 33.03 -11.15
C THR B 217 2.05 34.00 -10.70
N ASP B 218 1.97 34.30 -9.41
CA ASP B 218 0.93 35.16 -8.81
C ASP B 218 -0.50 34.71 -9.15
N GLU B 219 -0.77 33.45 -8.96
CA GLU B 219 -2.14 32.91 -9.06
C GLU B 219 -2.51 32.44 -7.65
N ALA B 220 -3.82 32.44 -7.34
CA ALA B 220 -4.24 31.95 -6.02
C ALA B 220 -5.67 31.48 -6.12
N ILE B 221 -6.07 30.62 -5.19
CA ILE B 221 -7.45 30.15 -5.18
C ILE B 221 -7.79 29.82 -3.73
N GLU B 222 -9.05 29.98 -3.35
CA GLU B 222 -9.43 29.54 -2.01
C GLU B 222 -10.73 28.76 -2.05
N PHE B 223 -10.92 27.98 -0.98
CA PHE B 223 -12.05 27.05 -0.89
C PHE B 223 -12.72 27.21 0.46
N HIS B 224 -14.05 27.32 0.44
CA HIS B 224 -14.82 27.34 1.69
C HIS B 224 -16.23 26.82 1.40
N TYR B 225 -16.68 25.84 2.18
CA TYR B 225 -18.00 25.22 1.97
C TYR B 225 -18.75 25.09 3.28
N GLU B 226 -20.05 25.42 3.23
CA GLU B 226 -20.90 25.34 4.41
C GLU B 226 -21.52 23.95 4.59
N ASN B 227 -21.70 23.18 3.51
CA ASN B 227 -22.56 22.01 3.56
C ASN B 227 -21.83 20.69 3.38
N GLY B 228 -20.54 20.63 3.65
CA GLY B 228 -19.88 19.33 3.76
C GLY B 228 -20.10 18.38 2.59
N VAL B 229 -20.43 17.12 2.89
CA VAL B 229 -20.44 16.10 1.84
C VAL B 229 -21.53 16.38 0.81
N GLN B 230 -22.54 17.17 1.17
CA GLN B 230 -23.60 17.49 0.23
C GLN B 230 -23.09 18.44 -0.84
N ASP B 231 -22.30 19.45 -0.44
CA ASP B 231 -21.66 20.31 -1.42
C ASP B 231 -20.72 19.51 -2.29
N PHE B 232 -20.02 18.55 -1.68
CA PHE B 232 -19.02 17.76 -2.41
C PHE B 232 -19.68 16.94 -3.52
N VAL B 233 -20.77 16.22 -3.18
CA VAL B 233 -21.52 15.48 -4.19
C VAL B 233 -22.04 16.40 -5.30
N SER B 234 -22.52 17.60 -4.98
CA SER B 234 -22.94 18.51 -6.04
C SER B 234 -21.76 18.89 -6.93
N TYR B 235 -20.58 19.12 -6.33
CA TYR B 235 -19.39 19.40 -7.12
C TYR B 235 -19.03 18.23 -8.05
N LEU B 236 -19.10 16.99 -7.55
CA LEU B 236 -18.82 15.83 -8.42
C LEU B 236 -19.76 15.77 -9.62
N ASN B 237 -21.01 16.14 -9.46
CA ASN B 237 -21.96 16.09 -10.56
C ASN B 237 -22.08 17.41 -11.30
N GLU B 238 -21.11 18.31 -11.14
CA GLU B 238 -21.20 19.67 -11.64
C GLU B 238 -21.39 19.70 -13.15
N ASP B 239 -20.51 19.05 -13.89
CA ASP B 239 -20.58 19.11 -15.35
C ASP B 239 -21.48 18.02 -15.94
N LYS B 240 -22.44 17.53 -15.16
CA LYS B 240 -23.27 16.41 -15.59
C LYS B 240 -24.74 16.74 -15.35
N GLU B 241 -25.60 16.00 -16.05
CA GLU B 241 -27.04 16.03 -15.82
C GLU B 241 -27.37 15.10 -14.67
N ILE B 242 -28.19 15.56 -13.74
CA ILE B 242 -28.44 14.73 -12.57
C ILE B 242 -29.82 14.12 -12.71
N LEU B 243 -30.01 12.94 -12.11
CA LEU B 243 -31.25 12.20 -12.20
C LEU B 243 -31.98 12.09 -10.87
N THR B 244 -31.43 12.65 -9.79
CA THR B 244 -31.99 12.53 -8.46
C THR B 244 -31.51 13.74 -7.65
N PRO B 245 -32.17 14.04 -6.52
CA PRO B 245 -31.66 15.04 -5.57
C PRO B 245 -30.48 14.47 -4.78
N VAL B 246 -29.87 15.32 -3.96
CA VAL B 246 -28.76 14.90 -3.10
C VAL B 246 -29.36 14.19 -1.88
N LEU B 247 -29.09 12.90 -1.76
CA LEU B 247 -29.51 12.15 -0.60
C LEU B 247 -28.43 12.25 0.47
N TYR B 248 -28.83 12.57 1.68
CA TYR B 248 -27.89 12.77 2.78
C TYR B 248 -28.26 11.86 3.94
N PHE B 249 -27.30 11.06 4.41
CA PHE B 249 -27.50 10.12 5.52
C PHE B 249 -26.40 10.32 6.54
N GLU B 250 -26.77 10.46 7.82
CA GLU B 250 -25.75 10.60 8.84
C GLU B 250 -26.17 9.86 10.11
N GLY B 251 -25.19 9.52 10.92
CA GLY B 251 -25.47 8.83 12.17
C GLY B 251 -24.22 8.75 13.01
N GLU B 252 -24.39 8.23 14.22
CA GLU B 252 -23.32 8.06 15.18
C GLU B 252 -23.49 6.70 15.83
N ASP B 253 -22.36 6.12 16.26
CA ASP B 253 -22.38 4.76 16.83
C ASP B 253 -21.09 4.59 17.64
N ASN B 254 -21.20 4.66 18.96
CA ASN B 254 -20.10 4.35 19.85
C ASN B 254 -18.81 5.06 19.45
N GLY B 255 -18.89 6.40 19.40
CA GLY B 255 -17.75 7.22 19.04
C GLY B 255 -17.51 7.39 17.54
N PHE B 256 -18.01 6.49 16.71
CA PHE B 256 -17.93 6.65 15.26
C PHE B 256 -18.99 7.63 14.76
N GLN B 257 -18.64 8.42 13.75
CA GLN B 257 -19.59 9.32 13.11
C GLN B 257 -19.52 9.09 11.61
N VAL B 258 -20.67 9.04 10.98
CA VAL B 258 -20.80 8.75 9.57
C VAL B 258 -21.64 9.79 8.87
N GLU B 259 -21.18 10.25 7.72
CA GLU B 259 -21.94 11.15 6.87
C GLU B 259 -21.76 10.64 5.46
N VAL B 260 -22.85 10.55 4.69
CA VAL B 260 -22.74 10.13 3.30
C VAL B 260 -23.74 10.94 2.47
N ALA B 261 -23.30 11.44 1.30
CA ALA B 261 -24.19 12.05 0.33
C ALA B 261 -24.09 11.24 -0.94
N LEU B 262 -25.23 11.08 -1.62
CA LEU B 262 -25.38 10.29 -2.83
C LEU B 262 -26.19 11.07 -3.84
N GLN B 263 -25.81 11.03 -5.11
CA GLN B 263 -26.67 11.58 -6.17
C GLN B 263 -26.37 10.92 -7.52
N TYR B 264 -27.43 10.53 -8.26
CA TYR B 264 -27.24 9.93 -9.59
C TYR B 264 -27.11 10.97 -10.70
N ASN B 265 -26.13 10.76 -11.58
CA ASN B 265 -26.04 11.50 -12.82
C ASN B 265 -26.54 10.61 -13.96
N ASP B 266 -26.57 11.19 -15.16
CA ASP B 266 -27.08 10.50 -16.33
C ASP B 266 -26.01 9.60 -16.96
N GLY B 267 -24.80 9.59 -16.43
CA GLY B 267 -23.73 8.79 -16.97
C GLY B 267 -23.79 7.36 -16.44
N PHE B 268 -22.75 6.61 -16.76
CA PHE B 268 -22.73 5.22 -16.36
C PHE B 268 -21.57 4.89 -15.43
N SER B 269 -20.83 5.90 -14.98
CA SER B 269 -19.67 5.72 -14.12
C SER B 269 -20.06 5.61 -12.67
N ASP B 270 -19.24 4.92 -11.90
CA ASP B 270 -19.38 4.76 -10.45
C ASP B 270 -18.30 5.62 -9.79
N ASN B 271 -18.71 6.69 -9.09
CA ASN B 271 -17.76 7.71 -8.61
C ASN B 271 -17.95 7.86 -7.10
N ILE B 272 -17.30 6.98 -6.33
CA ILE B 272 -17.45 6.92 -4.88
C ILE B 272 -16.15 7.37 -4.25
N LEU B 273 -16.19 8.42 -3.43
CA LEU B 273 -15.02 8.92 -2.71
C LEU B 273 -15.20 8.67 -1.23
N SER B 274 -14.16 8.15 -0.56
CA SER B 274 -14.31 7.85 0.87
C SER B 274 -13.18 8.52 1.65
N PHE B 275 -13.49 8.86 2.90
CA PHE B 275 -12.58 9.59 3.77
C PHE B 275 -12.72 9.05 5.19
N VAL B 276 -11.61 9.05 5.93
CA VAL B 276 -11.55 8.64 7.34
C VAL B 276 -10.83 9.75 8.08
N ASN B 277 -11.50 10.38 9.08
CA ASN B 277 -10.90 11.53 9.79
C ASN B 277 -10.30 12.52 8.80
N ASN B 278 -11.01 12.75 7.70
CA ASN B 278 -10.74 13.71 6.67
C ASN B 278 -9.59 13.29 5.77
N VAL B 279 -9.06 12.09 5.91
CA VAL B 279 -7.98 11.62 5.05
C VAL B 279 -8.61 10.86 3.89
N ARG B 280 -8.30 11.26 2.65
CA ARG B 280 -8.77 10.49 1.48
C ARG B 280 -8.23 9.06 1.52
N THR B 281 -9.13 8.07 1.36
CA THR B 281 -8.71 6.66 1.20
C THR B 281 -9.09 6.26 -0.21
N LYS B 282 -8.19 6.51 -1.17
CA LYS B 282 -8.52 6.30 -2.58
C LYS B 282 -8.81 4.84 -2.88
N ASP B 283 -8.23 3.92 -2.12
CA ASP B 283 -8.47 2.50 -2.30
C ASP B 283 -9.55 1.94 -1.37
N GLY B 284 -10.28 2.80 -0.69
CA GLY B 284 -11.47 2.35 0.07
C GLY B 284 -11.06 1.65 1.37
N GLY B 285 -11.64 0.46 1.62
CA GLY B 285 -11.39 -0.29 2.82
C GLY B 285 -12.72 -0.63 3.49
N THR B 286 -12.67 -0.86 4.81
CA THR B 286 -13.83 -1.43 5.52
C THR B 286 -15.04 -0.50 5.49
N HIS B 287 -14.80 0.84 5.55
CA HIS B 287 -15.90 1.79 5.50
C HIS B 287 -16.58 1.80 4.13
N GLU B 288 -15.78 1.76 3.05
CA GLU B 288 -16.36 1.70 1.71
C GLU B 288 -17.10 0.39 1.48
N THR B 289 -16.56 -0.70 2.03
CA THR B 289 -17.23 -2.00 1.94
C THR B 289 -18.59 -1.95 2.60
N GLY B 290 -18.68 -1.36 3.78
CA GLY B 290 -19.97 -1.27 4.45
C GLY B 290 -20.97 -0.42 3.67
N LEU B 291 -20.49 0.67 3.06
CA LEU B 291 -21.39 1.49 2.25
C LEU B 291 -21.88 0.70 1.05
N LYS B 292 -20.96 0.08 0.31
CA LYS B 292 -21.38 -0.62 -0.90
C LYS B 292 -22.33 -1.78 -0.58
N SER B 293 -22.06 -2.50 0.52
N SER B 293 -22.04 -2.50 0.51
CA SER B 293 -22.91 -3.63 0.90
CA SER B 293 -22.91 -3.62 0.89
C SER B 293 -24.29 -3.15 1.30
C SER B 293 -24.30 -3.14 1.28
N ALA B 294 -24.38 -2.05 2.04
CA ALA B 294 -25.67 -1.54 2.47
C ALA B 294 -26.51 -1.14 1.25
N ILE B 295 -25.89 -0.44 0.29
CA ILE B 295 -26.64 -0.03 -0.89
C ILE B 295 -27.20 -1.26 -1.61
N THR B 296 -26.36 -2.23 -1.90
CA THR B 296 -26.82 -3.36 -2.72
C THR B 296 -27.91 -4.13 -1.98
N LYS B 297 -27.71 -4.36 -0.68
CA LYS B 297 -28.62 -5.21 0.07
C LYS B 297 -29.97 -4.54 0.23
N VAL B 298 -29.99 -3.25 0.56
CA VAL B 298 -31.24 -2.53 0.78
C VAL B 298 -31.96 -2.33 -0.53
N MET B 299 -31.24 -1.98 -1.63
CA MET B 299 -31.94 -1.79 -2.90
C MET B 299 -32.51 -3.10 -3.41
N ASN B 300 -31.75 -4.21 -3.33
CA ASN B 300 -32.32 -5.50 -3.72
C ASN B 300 -33.50 -5.85 -2.83
N ASP B 301 -33.41 -5.60 -1.52
CA ASP B 301 -34.55 -5.95 -0.65
CA ASP B 301 -34.56 -5.97 -0.65
C ASP B 301 -35.79 -5.17 -1.05
N TYR B 302 -35.62 -3.87 -1.34
CA TYR B 302 -36.77 -3.06 -1.76
C TYR B 302 -37.33 -3.57 -3.10
N ALA B 303 -36.44 -3.84 -4.07
CA ALA B 303 -36.88 -4.30 -5.39
C ALA B 303 -37.71 -5.59 -5.27
N ARG B 304 -37.24 -6.51 -4.45
CA ARG B 304 -37.89 -7.81 -4.35
C ARG B 304 -39.18 -7.68 -3.54
N LYS B 305 -39.17 -6.87 -2.48
CA LYS B 305 -40.39 -6.86 -1.68
C LYS B 305 -41.52 -6.08 -2.35
N THR B 306 -41.21 -5.27 -3.37
CA THR B 306 -42.21 -4.59 -4.18
C THR B 306 -42.50 -5.29 -5.51
N GLY B 307 -41.90 -6.45 -5.78
CA GLY B 307 -42.23 -7.11 -7.03
C GLY B 307 -41.53 -6.55 -8.27
N LEU B 308 -40.68 -5.53 -8.13
CA LEU B 308 -39.93 -5.06 -9.29
C LEU B 308 -38.92 -6.10 -9.74
N LEU B 309 -38.36 -6.87 -8.79
CA LEU B 309 -37.72 -8.16 -9.10
C LEU B 309 -38.74 -9.24 -8.75
N LYS B 310 -39.06 -10.08 -9.73
CA LYS B 310 -40.07 -11.09 -9.53
C LYS B 310 -39.44 -12.32 -8.87
N GLU B 311 -40.31 -13.24 -8.44
CA GLU B 311 -39.86 -14.49 -7.84
C GLU B 311 -38.73 -15.13 -8.64
N LYS B 312 -38.84 -15.16 -9.96
CA LYS B 312 -37.86 -15.88 -10.78
C LYS B 312 -36.62 -15.05 -11.10
N ASP B 313 -36.61 -13.76 -10.78
CA ASP B 313 -35.47 -12.91 -11.11
C ASP B 313 -34.34 -13.08 -10.12
N LYS B 314 -33.11 -13.03 -10.61
CA LYS B 314 -31.94 -12.91 -9.74
C LYS B 314 -31.84 -11.53 -9.12
N ASN B 315 -31.14 -11.45 -8.01
CA ASN B 315 -30.82 -10.14 -7.44
C ASN B 315 -29.98 -9.34 -8.44
N LEU B 316 -30.09 -8.02 -8.38
CA LEU B 316 -29.18 -7.20 -9.19
C LEU B 316 -27.80 -7.15 -8.57
N GLU B 317 -26.80 -6.88 -9.42
CA GLU B 317 -25.43 -6.75 -8.95
C GLU B 317 -25.21 -5.36 -8.36
N GLY B 318 -24.26 -5.28 -7.42
CA GLY B 318 -23.90 -3.98 -6.87
C GLY B 318 -23.56 -2.98 -7.96
N SER B 319 -22.92 -3.44 -9.03
CA SER B 319 -22.53 -2.49 -10.06
C SER B 319 -23.77 -1.91 -10.77
N ASP B 320 -24.86 -2.68 -10.85
CA ASP B 320 -26.11 -2.18 -11.45
C ASP B 320 -26.64 -0.95 -10.70
N TYR B 321 -26.58 -0.99 -9.38
CA TYR B 321 -27.06 0.13 -8.55
C TYR B 321 -26.07 1.31 -8.52
N ARG B 322 -24.81 1.09 -8.84
CA ARG B 322 -23.80 2.15 -8.73
C ARG B 322 -23.58 2.87 -10.07
N GLU B 323 -24.23 2.42 -11.14
CA GLU B 323 -24.11 3.10 -12.43
C GLU B 323 -24.62 4.51 -12.31
N GLY B 324 -23.80 5.48 -12.75
CA GLY B 324 -24.16 6.87 -12.63
C GLY B 324 -24.19 7.40 -11.21
N LEU B 325 -23.68 6.65 -10.23
CA LEU B 325 -23.78 7.08 -8.85
C LEU B 325 -22.56 7.89 -8.44
N ALA B 326 -22.78 9.07 -7.89
CA ALA B 326 -21.76 9.83 -7.18
C ALA B 326 -22.05 9.78 -5.69
N ALA B 327 -21.03 9.51 -4.90
CA ALA B 327 -21.25 9.36 -3.46
C ALA B 327 -20.00 9.83 -2.75
N VAL B 328 -20.18 10.51 -1.62
CA VAL B 328 -19.04 10.89 -0.77
C VAL B 328 -19.31 10.36 0.62
N LEU B 329 -18.37 9.58 1.12
CA LEU B 329 -18.51 8.94 2.41
C LEU B 329 -17.43 9.51 3.32
N SER B 330 -17.82 10.11 4.45
CA SER B 330 -16.86 10.64 5.38
C SER B 330 -17.18 10.08 6.75
N ILE B 331 -16.22 9.40 7.34
CA ILE B 331 -16.43 8.88 8.67
C ILE B 331 -15.35 9.39 9.60
N LEU B 332 -15.70 9.46 10.87
CA LEU B 332 -14.74 9.81 11.92
C LEU B 332 -14.62 8.55 12.78
N VAL B 333 -13.41 8.07 12.99
CA VAL B 333 -13.13 6.86 13.75
C VAL B 333 -12.30 7.21 14.98
N PRO B 334 -12.73 6.85 16.20
CA PRO B 334 -11.92 7.14 17.38
C PRO B 334 -10.53 6.58 17.22
N GLU B 335 -9.54 7.28 17.82
CA GLU B 335 -8.16 6.81 17.77
C GLU B 335 -8.04 5.34 18.20
N GLU B 336 -8.78 4.92 19.24
CA GLU B 336 -8.59 3.57 19.76
C GLU B 336 -8.95 2.49 18.74
N HIS B 337 -9.68 2.82 17.67
CA HIS B 337 -10.11 1.83 16.68
C HIS B 337 -9.50 2.09 15.31
N LEU B 338 -8.66 3.11 15.18
CA LEU B 338 -8.18 3.56 13.88
C LEU B 338 -6.98 2.74 13.41
N GLN B 339 -7.02 2.28 12.14
CA GLN B 339 -5.97 1.45 11.57
C GLN B 339 -5.96 1.61 10.05
N PHE B 340 -4.87 2.17 9.50
CA PHE B 340 -4.69 2.35 8.07
C PHE B 340 -3.71 1.32 7.54
N GLU B 341 -3.88 0.95 6.27
CA GLU B 341 -2.82 0.17 5.62
C GLU B 341 -1.72 1.16 5.23
N GLY B 342 -0.60 1.13 5.94
CA GLY B 342 0.61 1.78 5.48
C GLY B 342 0.62 3.28 5.77
N GLN B 343 1.81 3.83 5.65
CA GLN B 343 2.00 5.27 5.87
C GLN B 343 1.19 6.10 4.89
N THR B 344 0.92 5.58 3.68
CA THR B 344 0.20 6.37 2.70
C THR B 344 -1.30 6.45 2.97
N LYS B 345 -1.86 5.57 3.81
CA LYS B 345 -3.25 5.69 4.26
C LYS B 345 -4.25 5.67 3.11
N ASP B 346 -3.97 4.87 2.09
CA ASP B 346 -4.85 4.73 0.95
C ASP B 346 -6.04 3.79 1.19
N LYS B 347 -6.01 3.04 2.29
CA LYS B 347 -7.04 2.05 2.61
C LYS B 347 -7.25 1.96 4.13
N LEU B 348 -8.52 1.94 4.56
CA LEU B 348 -8.86 1.80 5.97
C LEU B 348 -9.00 0.31 6.30
N GLY B 349 -8.28 -0.14 7.33
CA GLY B 349 -8.43 -1.51 7.80
C GLY B 349 -9.28 -1.73 9.05
N SER B 350 -9.58 -0.66 9.84
CA SER B 350 -10.36 -0.76 11.08
C SER B 350 -11.58 -1.67 10.88
N PRO B 351 -11.61 -2.86 11.46
CA PRO B 351 -12.72 -3.78 11.18
C PRO B 351 -14.09 -3.25 11.58
N LEU B 352 -14.17 -2.48 12.67
CA LEU B 352 -15.47 -2.01 13.13
C LEU B 352 -16.15 -1.03 12.16
N ALA B 353 -15.37 -0.34 11.30
CA ALA B 353 -16.01 0.62 10.39
C ALA B 353 -17.01 -0.06 9.48
N ARG B 354 -16.79 -1.34 9.15
CA ARG B 354 -17.68 -1.97 8.19
C ARG B 354 -19.09 -2.10 8.77
N PRO B 355 -19.30 -2.78 9.91
CA PRO B 355 -20.66 -2.80 10.50
C PRO B 355 -21.17 -1.41 10.88
N VAL B 356 -20.30 -0.52 11.35
CA VAL B 356 -20.75 0.84 11.66
C VAL B 356 -21.40 1.48 10.43
N VAL B 357 -20.68 1.54 9.31
CA VAL B 357 -21.23 2.24 8.14
C VAL B 357 -22.43 1.47 7.58
N ASP B 358 -22.28 0.16 7.47
CA ASP B 358 -23.36 -0.70 6.98
C ASP B 358 -24.65 -0.45 7.75
N GLY B 359 -24.59 -0.55 9.09
CA GLY B 359 -25.79 -0.36 9.89
C GLY B 359 -26.44 1.00 9.69
N ILE B 360 -25.64 2.07 9.77
CA ILE B 360 -26.20 3.41 9.65
C ILE B 360 -26.80 3.63 8.28
N VAL B 361 -26.04 3.34 7.22
CA VAL B 361 -26.55 3.57 5.88
C VAL B 361 -27.77 2.70 5.60
N ALA B 362 -27.72 1.41 6.01
CA ALA B 362 -28.85 0.53 5.69
C ALA B 362 -30.11 1.04 6.34
N ASP B 363 -30.02 1.45 7.61
CA ASP B 363 -31.18 1.95 8.33
C ASP B 363 -31.76 3.19 7.65
N LYS B 364 -30.92 4.15 7.32
CA LYS B 364 -31.44 5.41 6.76
C LYS B 364 -31.97 5.19 5.35
N LEU B 365 -31.29 4.37 4.56
CA LEU B 365 -31.73 4.18 3.18
C LEU B 365 -33.01 3.35 3.12
N THR B 366 -33.14 2.33 3.97
CA THR B 366 -34.38 1.58 4.01
C THR B 366 -35.54 2.52 4.27
N PHE B 367 -35.39 3.39 5.25
CA PHE B 367 -36.45 4.34 5.56
C PHE B 367 -36.68 5.30 4.39
N PHE B 368 -35.61 5.81 3.80
CA PHE B 368 -35.79 6.75 2.69
C PHE B 368 -36.57 6.11 1.52
N LEU B 369 -36.26 4.86 1.15
CA LEU B 369 -36.99 4.23 0.04
C LEU B 369 -38.47 4.09 0.35
N MET B 370 -38.81 3.71 1.58
CA MET B 370 -40.20 3.52 1.96
C MET B 370 -40.98 4.83 1.91
N GLU B 371 -40.32 5.95 2.19
CA GLU B 371 -41.00 7.24 2.25
C GLU B 371 -41.02 7.93 0.90
N ASN B 372 -40.25 7.44 -0.06
CA ASN B 372 -40.12 8.05 -1.38
C ASN B 372 -40.30 6.97 -2.44
N GLY B 373 -41.49 6.37 -2.50
CA GLY B 373 -41.66 5.13 -3.26
C GLY B 373 -41.51 5.35 -4.75
N GLU B 374 -41.93 6.50 -5.25
CA GLU B 374 -41.83 6.74 -6.70
C GLU B 374 -40.39 6.89 -7.11
N LEU B 375 -39.61 7.65 -6.35
CA LEU B 375 -38.18 7.74 -6.64
C LEU B 375 -37.53 6.37 -6.49
N ALA B 376 -37.89 5.63 -5.45
CA ALA B 376 -37.27 4.30 -5.22
C ALA B 376 -37.51 3.39 -6.42
N SER B 377 -38.76 3.34 -6.91
CA SER B 377 -39.05 2.46 -8.03
CA SER B 377 -39.07 2.47 -8.03
C SER B 377 -38.32 2.92 -9.30
N ASN B 378 -38.18 4.24 -9.49
CA ASN B 378 -37.41 4.71 -10.63
C ASN B 378 -35.94 4.29 -10.51
N LEU B 379 -35.39 4.37 -9.30
CA LEU B 379 -34.00 3.94 -9.13
C LEU B 379 -33.84 2.45 -9.42
N ILE B 380 -34.80 1.64 -8.98
CA ILE B 380 -34.72 0.20 -9.26
C ILE B 380 -34.83 -0.04 -10.77
N ARG B 381 -35.79 0.63 -11.41
CA ARG B 381 -35.96 0.43 -12.85
C ARG B 381 -34.70 0.82 -13.61
N LYS B 382 -34.03 1.88 -13.15
CA LYS B 382 -32.75 2.25 -13.72
C LYS B 382 -31.73 1.12 -13.60
N ALA B 383 -31.62 0.54 -12.40
CA ALA B 383 -30.67 -0.55 -12.18
C ALA B 383 -31.04 -1.78 -13.01
N ILE B 384 -32.35 -2.01 -13.21
CA ILE B 384 -32.77 -3.14 -14.05
C ILE B 384 -32.32 -2.92 -15.50
N LYS B 385 -32.49 -1.70 -16.01
CA LYS B 385 -31.96 -1.37 -17.35
C LYS B 385 -30.44 -1.49 -17.41
N ALA B 386 -29.73 -1.16 -16.32
CA ALA B 386 -28.30 -1.45 -16.26
C ALA B 386 -28.01 -2.95 -16.37
N ARG B 387 -28.79 -3.76 -15.63
CA ARG B 387 -28.63 -5.20 -15.75
C ARG B 387 -28.89 -5.65 -17.19
N ASP B 388 -29.94 -5.12 -17.82
CA ASP B 388 -30.24 -5.56 -19.17
C ASP B 388 -29.08 -5.23 -20.11
N ALA B 389 -28.47 -4.06 -19.95
CA ALA B 389 -27.36 -3.69 -20.85
C ALA B 389 -26.15 -4.58 -20.61
N ARG B 390 -25.91 -4.91 -19.35
CA ARG B 390 -24.79 -5.80 -19.01
C ARG B 390 -25.01 -7.18 -19.60
N GLU B 391 -26.21 -7.71 -19.47
CA GLU B 391 -26.50 -9.02 -20.02
C GLU B 391 -26.56 -9.00 -21.54
N ALA B 392 -26.97 -7.87 -22.15
CA ALA B 392 -26.91 -7.79 -23.61
C ALA B 392 -25.46 -7.82 -24.09
N ALA B 393 -24.58 -7.10 -23.39
CA ALA B 393 -23.17 -7.09 -23.75
C ALA B 393 -22.57 -8.49 -23.62
N ARG B 394 -22.93 -9.21 -22.55
CA ARG B 394 -22.39 -10.54 -22.33
C ARG B 394 -22.84 -11.50 -23.42
N LYS B 395 -24.13 -11.48 -23.77
CA LYS B 395 -24.63 -12.34 -24.84
C LYS B 395 -23.93 -12.04 -26.15
N ALA B 396 -23.74 -10.75 -26.49
CA ALA B 396 -23.09 -10.42 -27.75
C ALA B 396 -21.61 -10.84 -27.71
N ARG B 397 -20.98 -10.69 -26.55
CA ARG B 397 -19.58 -11.08 -26.44
C ARG B 397 -19.42 -12.59 -26.61
N ASP B 398 -20.29 -13.37 -25.97
CA ASP B 398 -20.21 -14.82 -26.07
C ASP B 398 -20.59 -15.30 -27.46
N GLU B 399 -21.54 -14.64 -28.12
CA GLU B 399 -21.89 -15.03 -29.48
C GLU B 399 -20.75 -14.74 -30.43
N SER B 400 -20.12 -13.55 -30.30
CA SER B 400 -18.97 -13.23 -31.14
C SER B 400 -17.89 -14.29 -30.98
N ARG B 401 -17.62 -14.72 -29.76
CA ARG B 401 -16.67 -15.79 -29.54
C ARG B 401 -17.22 -17.08 -30.11
#